data_6ATZ
#
_entry.id   6ATZ
#
_cell.length_a   66.881
_cell.length_b   72.885
_cell.length_c   95.316
_cell.angle_alpha   90.000
_cell.angle_beta   107.400
_cell.angle_gamma   90.000
#
_symmetry.space_group_name_H-M   'P 1 21 1'
#
loop_
_entity.id
_entity.type
_entity.pdbx_description
1 polymer 'HLA class II histocompatibility antigen, DR alpha chain'
2 polymer 'MHC class II antigen'
3 polymer 'Fibrinogen beta chain'
4 non-polymer 2-acetamido-2-deoxy-beta-D-glucopyranose
5 non-polymer 2-[3-(2-HYDROXY-1,1-DIHYDROXYMETHYL-ETHYLAMINO)-PROPYLAMINO]-2-HYDROXYMETHYL-PROPANE-1,3-DIOL
6 water water
#
loop_
_entity_poly.entity_id
_entity_poly.type
_entity_poly.pdbx_seq_one_letter_code
_entity_poly.pdbx_strand_id
1 'polypeptide(L)'
;EHVIIQAEFYLNPDQSGEFMFDFDGDEIFHVDMAKKETVWRLEEFGRFASFEAQGALANIAVDKANLEIMTKRSNYTPIT
NVPPEVTVLTNSPVELREPNVLICFIDKFTPPVVNVTWLRNGKPVTTGVSETVFLPREDHLFRKFHYLPFLPSTEDVYDC
RVEHWGLDEPLLKHWEF
;
A,C
2 'polypeptide(L)'
;TRPRFLEYSTSECHFFNGTERVRFLERYFHNQEENVRFDSDVGEYRAVTELGRPDAEYWNSQKDLLEQRRAAVDTYCRHN
YGVGESFTVQRRVHPKVTVYPSKTQPLQHHNLLVCSVSGFYPGSIEVRWFRNGQEEKTGVVSTGLIHNGDWTFQTLVMLE
TVPRSGEVYTCQVEHPSVTSPLTVEWRA
;
B,D
3 'polypeptide(L)' GGYRA(CIR)PAKAAT E,F
#
# COMPACT_ATOMS: atom_id res chain seq x y z
N GLU A 1 2.42 -12.80 1.88
CA GLU A 1 3.55 -13.70 2.03
C GLU A 1 4.64 -13.39 1.00
N HIS A 2 4.28 -13.37 -0.27
CA HIS A 2 5.26 -13.16 -1.34
C HIS A 2 4.60 -12.45 -2.51
N VAL A 3 5.38 -11.63 -3.20
CA VAL A 3 4.92 -10.84 -4.34
C VAL A 3 5.95 -10.92 -5.45
N ILE A 4 5.50 -11.21 -6.66
CA ILE A 4 6.34 -11.19 -7.86
C ILE A 4 5.77 -10.13 -8.79
N ILE A 5 6.63 -9.20 -9.21
CA ILE A 5 6.24 -8.08 -10.05
C ILE A 5 7.04 -8.13 -11.35
N GLN A 6 6.36 -7.88 -12.47
CA GLN A 6 7.00 -7.68 -13.76
C GLN A 6 6.80 -6.23 -14.17
N ALA A 7 7.87 -5.45 -14.11
CA ALA A 7 7.81 -4.02 -14.34
C ALA A 7 8.52 -3.69 -15.65
N GLU A 8 7.84 -2.91 -16.51
CA GLU A 8 8.40 -2.48 -17.78
C GLU A 8 7.93 -1.06 -18.07
N PHE A 9 8.81 -0.27 -18.67
CA PHE A 9 8.46 1.11 -19.01
C PHE A 9 9.19 1.52 -20.28
N TYR A 10 8.64 2.54 -20.94
CA TYR A 10 9.30 3.19 -22.06
C TYR A 10 9.16 4.70 -21.88
N LEU A 11 10.25 5.43 -22.15
CA LEU A 11 10.31 6.86 -21.88
C LEU A 11 10.69 7.61 -23.15
N ASN A 12 9.91 8.65 -23.47
CA ASN A 12 10.22 9.59 -24.54
C ASN A 12 10.57 10.95 -23.96
N PRO A 13 11.41 11.75 -24.65
CA PRO A 13 12.06 11.41 -25.91
C PRO A 13 13.34 10.60 -25.73
N ASP A 14 13.68 10.29 -24.47
CA ASP A 14 14.90 9.54 -24.19
C ASP A 14 14.91 8.20 -24.91
N GLN A 15 13.74 7.64 -25.22
CA GLN A 15 13.64 6.35 -25.88
C GLN A 15 14.31 5.26 -25.06
N SER A 16 14.15 5.33 -23.74
CA SER A 16 14.72 4.35 -22.83
C SER A 16 13.66 3.33 -22.46
N GLY A 17 14.01 2.05 -22.56
CA GLY A 17 13.12 0.98 -22.21
C GLY A 17 13.74 0.10 -21.13
N GLU A 18 12.88 -0.52 -20.33
CA GLU A 18 13.33 -1.44 -19.31
C GLU A 18 12.31 -2.54 -19.12
N PHE A 19 12.80 -3.72 -18.77
CA PHE A 19 11.95 -4.87 -18.48
C PHE A 19 12.66 -5.66 -17.39
N MET A 20 12.00 -5.83 -16.25
CA MET A 20 12.64 -6.49 -15.12
C MET A 20 11.60 -7.26 -14.31
N PHE A 21 12.13 -8.11 -13.42
CA PHE A 21 11.34 -8.96 -12.55
C PHE A 21 11.77 -8.73 -11.11
N ASP A 22 10.79 -8.61 -10.22
CA ASP A 22 11.04 -8.27 -8.83
C ASP A 22 10.48 -9.37 -7.92
N PHE A 23 11.18 -9.61 -6.81
CA PHE A 23 10.72 -10.57 -5.79
C PHE A 23 10.86 -9.92 -4.43
N ASP A 24 9.75 -9.43 -3.89
CA ASP A 24 9.70 -8.85 -2.54
C ASP A 24 10.72 -7.72 -2.39
N GLY A 25 10.86 -6.91 -3.43
CA GLY A 25 11.73 -5.75 -3.40
C GLY A 25 13.09 -5.96 -4.03
N ASP A 26 13.43 -7.19 -4.40
CA ASP A 26 14.72 -7.49 -5.00
C ASP A 26 14.56 -7.83 -6.47
N GLU A 27 15.65 -7.67 -7.21
CA GLU A 27 15.69 -7.89 -8.65
C GLU A 27 16.09 -9.34 -8.93
N ILE A 28 15.25 -10.06 -9.68
CA ILE A 28 15.67 -11.37 -10.17
C ILE A 28 16.53 -11.21 -11.42
N PHE A 29 16.07 -10.40 -12.37
CA PHE A 29 16.81 -10.17 -13.60
C PHE A 29 16.20 -8.98 -14.32
N HIS A 30 16.93 -8.50 -15.34
CA HIS A 30 16.42 -7.52 -16.27
C HIS A 30 17.00 -7.84 -17.64
N VAL A 31 16.30 -7.41 -18.69
CA VAL A 31 16.73 -7.67 -20.05
C VAL A 31 17.53 -6.47 -20.54
N ASP A 32 18.82 -6.68 -20.79
CA ASP A 32 19.64 -5.65 -21.40
C ASP A 32 19.15 -5.38 -22.82
N MET A 33 18.77 -4.13 -23.08
CA MET A 33 18.11 -3.82 -24.34
C MET A 33 19.10 -3.81 -25.50
N ALA A 34 20.29 -3.25 -25.28
CA ALA A 34 21.30 -3.22 -26.34
C ALA A 34 21.78 -4.64 -26.66
N LYS A 35 22.22 -5.38 -25.65
CA LYS A 35 22.69 -6.74 -25.88
C LYS A 35 21.55 -7.71 -26.11
N LYS A 36 20.32 -7.35 -25.73
CA LYS A 36 19.17 -8.24 -25.88
C LYS A 36 19.42 -9.56 -25.15
N GLU A 37 19.87 -9.44 -23.89
CA GLU A 37 20.29 -10.59 -23.10
C GLU A 37 19.74 -10.47 -21.70
N THR A 38 19.35 -11.61 -21.13
CA THR A 38 18.85 -11.66 -19.76
C THR A 38 20.00 -11.50 -18.78
N VAL A 39 19.98 -10.43 -17.99
CA VAL A 39 20.99 -10.17 -16.98
C VAL A 39 20.41 -10.52 -15.62
N TRP A 40 21.03 -11.48 -14.93
CA TRP A 40 20.57 -11.91 -13.62
C TRP A 40 21.23 -11.08 -12.53
N ARG A 41 20.43 -10.64 -11.56
CA ARG A 41 20.98 -9.84 -10.47
C ARG A 41 22.10 -10.58 -9.75
N LEU A 42 21.95 -11.88 -9.58
CA LEU A 42 23.00 -12.74 -9.04
C LEU A 42 23.35 -13.81 -10.06
N GLU A 43 24.65 -13.99 -10.30
CA GLU A 43 25.09 -14.95 -11.32
C GLU A 43 24.49 -16.32 -11.07
N GLU A 44 24.35 -16.71 -9.79
CA GLU A 44 23.86 -18.04 -9.48
C GLU A 44 22.43 -18.28 -9.97
N PHE A 45 21.64 -17.22 -10.15
CA PHE A 45 20.28 -17.38 -10.66
C PHE A 45 20.28 -18.04 -12.04
N GLY A 46 21.20 -17.62 -12.92
CA GLY A 46 21.24 -18.17 -14.26
C GLY A 46 21.40 -19.68 -14.27
N ARG A 47 22.00 -20.25 -13.23
CA ARG A 47 22.20 -21.69 -13.14
C ARG A 47 20.95 -22.45 -12.74
N PHE A 48 19.89 -21.75 -12.30
CA PHE A 48 18.69 -22.40 -11.80
C PHE A 48 17.44 -22.07 -12.59
N ALA A 49 17.47 -21.04 -13.44
CA ALA A 49 16.30 -20.65 -14.21
C ALA A 49 16.77 -20.03 -15.51
N SER A 50 15.81 -19.60 -16.32
CA SER A 50 16.12 -19.01 -17.63
C SER A 50 14.97 -18.10 -18.03
N PHE A 51 15.22 -17.30 -19.05
CA PHE A 51 14.19 -16.42 -19.61
C PHE A 51 14.62 -15.98 -21.00
N GLU A 52 13.71 -16.07 -21.96
CA GLU A 52 13.99 -15.67 -23.34
C GLU A 52 13.77 -14.16 -23.45
N ALA A 53 14.86 -13.43 -23.68
CA ALA A 53 14.78 -11.97 -23.73
C ALA A 53 13.87 -11.46 -24.84
N GLN A 54 13.55 -12.29 -25.83
CA GLN A 54 12.73 -11.82 -26.94
C GLN A 54 11.34 -11.42 -26.47
N GLY A 55 10.81 -12.10 -25.46
CA GLY A 55 9.52 -11.70 -24.91
C GLY A 55 9.53 -10.28 -24.37
N ALA A 56 10.62 -9.90 -23.71
CA ALA A 56 10.74 -8.54 -23.20
C ALA A 56 10.83 -7.53 -24.34
N LEU A 57 11.72 -7.77 -25.30
CA LEU A 57 11.86 -6.87 -26.44
C LEU A 57 10.52 -6.70 -27.18
N ALA A 58 9.70 -7.75 -27.20
CA ALA A 58 8.40 -7.66 -27.82
C ALA A 58 7.46 -6.75 -27.02
N ASN A 59 7.49 -6.87 -25.70
CA ASN A 59 6.65 -6.01 -24.86
C ASN A 59 7.09 -4.56 -24.96
N ILE A 60 8.39 -4.31 -25.03
CA ILE A 60 8.88 -2.93 -25.09
C ILE A 60 8.41 -2.26 -26.38
N ALA A 61 8.32 -3.02 -27.47
CA ALA A 61 7.79 -2.45 -28.72
C ALA A 61 6.34 -2.04 -28.55
N VAL A 62 5.53 -2.89 -27.89
CA VAL A 62 4.14 -2.55 -27.63
C VAL A 62 4.05 -1.31 -26.74
N ASP A 63 4.85 -1.29 -25.66
CA ASP A 63 4.83 -0.15 -24.76
C ASP A 63 5.24 1.13 -25.47
N LYS A 64 6.28 1.05 -26.31
CA LYS A 64 6.64 2.18 -27.15
C LYS A 64 5.45 2.65 -27.98
N ALA A 65 4.72 1.70 -28.57
CA ALA A 65 3.55 2.05 -29.38
C ALA A 65 2.42 2.61 -28.52
N ASN A 66 2.20 2.02 -27.34
CA ASN A 66 1.16 2.55 -26.45
C ASN A 66 1.49 3.96 -25.97
N LEU A 67 2.78 4.25 -25.76
CA LEU A 67 3.18 5.58 -25.33
C LEU A 67 2.72 6.64 -26.32
N GLU A 68 2.93 6.39 -27.62
CA GLU A 68 2.46 7.31 -28.63
C GLU A 68 0.95 7.53 -28.54
N ILE A 69 0.20 6.46 -28.32
CA ILE A 69 -1.26 6.58 -28.23
C ILE A 69 -1.66 7.40 -27.02
N MET A 70 -1.07 7.09 -25.85
CA MET A 70 -1.47 7.77 -24.63
C MET A 70 -0.97 9.21 -24.58
N THR A 71 0.17 9.49 -25.21
CA THR A 71 0.63 10.87 -25.29
C THR A 71 -0.33 11.72 -26.10
N LYS A 72 -0.85 11.18 -27.20
CA LYS A 72 -1.85 11.91 -27.98
C LYS A 72 -3.16 12.04 -27.22
N ARG A 73 -3.69 10.92 -26.72
CA ARG A 73 -4.97 10.95 -26.01
C ARG A 73 -4.91 11.86 -24.79
N SER A 74 -3.75 11.96 -24.15
CA SER A 74 -3.57 12.84 -23.00
C SER A 74 -3.19 14.26 -23.40
N ASN A 75 -3.32 14.60 -24.69
CA ASN A 75 -3.02 15.95 -25.17
C ASN A 75 -1.60 16.37 -24.83
N TYR A 76 -0.68 15.42 -24.81
CA TYR A 76 0.74 15.70 -24.63
C TYR A 76 1.02 16.36 -23.28
N THR A 77 0.36 15.88 -22.24
CA THR A 77 0.65 16.34 -20.89
C THR A 77 1.99 15.77 -20.46
N PRO A 78 2.98 16.59 -20.12
CA PRO A 78 4.26 16.05 -19.65
C PRO A 78 4.14 15.47 -18.24
N ILE A 79 5.10 14.61 -17.91
CA ILE A 79 5.16 14.08 -16.56
C ILE A 79 5.67 15.18 -15.62
N THR A 80 5.19 15.15 -14.38
CA THR A 80 5.70 16.02 -13.33
C THR A 80 6.92 15.37 -12.69
N ASN A 81 8.01 16.12 -12.62
CA ASN A 81 9.22 15.59 -12.00
C ASN A 81 9.04 15.44 -10.50
N VAL A 82 9.54 14.34 -9.96
CA VAL A 82 9.59 14.12 -8.51
C VAL A 82 11.05 13.90 -8.12
N PRO A 83 11.67 14.82 -7.39
CA PRO A 83 13.09 14.66 -7.09
C PRO A 83 13.33 13.49 -6.16
N PRO A 84 14.52 12.89 -6.20
CA PRO A 84 14.77 11.70 -5.40
C PRO A 84 15.18 12.01 -3.97
N GLU A 85 15.00 11.00 -3.12
CA GLU A 85 15.55 11.00 -1.77
C GLU A 85 16.79 10.10 -1.79
N VAL A 86 17.91 10.64 -1.31
CA VAL A 86 19.21 10.00 -1.46
C VAL A 86 19.76 9.64 -0.10
N THR A 87 20.31 8.43 0.03
CA THR A 87 20.92 7.96 1.25
C THR A 87 22.23 7.25 0.92
N VAL A 88 23.23 7.47 1.76
CA VAL A 88 24.53 6.79 1.63
C VAL A 88 24.78 6.00 2.91
N LEU A 89 25.30 4.80 2.75
CA LEU A 89 25.56 3.91 3.88
C LEU A 89 26.51 2.82 3.41
N THR A 90 26.90 1.95 4.32
CA THR A 90 27.87 0.90 4.04
C THR A 90 27.24 -0.48 4.23
N ASN A 91 27.84 -1.46 3.56
CA ASN A 91 27.35 -2.83 3.62
C ASN A 91 27.48 -3.42 5.01
N SER A 92 28.49 -3.02 5.76
CA SER A 92 28.75 -3.59 7.08
C SER A 92 29.46 -2.54 7.92
N PRO A 93 29.57 -2.76 9.23
CA PRO A 93 30.35 -1.84 10.07
C PRO A 93 31.75 -1.65 9.51
N VAL A 94 32.29 -0.45 9.73
CA VAL A 94 33.50 0.00 9.07
C VAL A 94 34.70 -0.28 9.97
N GLU A 95 35.62 -1.11 9.48
CA GLU A 95 36.90 -1.34 10.11
C GLU A 95 38.01 -0.84 9.19
N LEU A 96 38.99 -0.16 9.77
CA LEU A 96 40.08 0.40 8.97
C LEU A 96 40.82 -0.71 8.23
N ARG A 97 41.24 -0.41 7.00
CA ARG A 97 42.01 -1.34 6.17
C ARG A 97 41.25 -2.64 5.91
N GLU A 98 39.95 -2.66 6.16
CA GLU A 98 39.12 -3.83 5.90
C GLU A 98 38.12 -3.51 4.80
N PRO A 99 38.15 -4.19 3.65
CA PRO A 99 37.28 -3.81 2.54
C PRO A 99 35.82 -3.69 2.96
N ASN A 100 35.11 -2.81 2.26
CA ASN A 100 33.68 -2.60 2.48
C ASN A 100 33.09 -2.08 1.17
N VAL A 101 31.83 -1.65 1.23
CA VAL A 101 31.13 -1.17 0.03
C VAL A 101 30.23 -0.02 0.44
N LEU A 102 30.40 1.13 -0.19
CA LEU A 102 29.48 2.25 -0.03
C LEU A 102 28.27 2.04 -0.93
N ILE A 103 27.09 2.33 -0.40
CA ILE A 103 25.83 2.15 -1.12
C ILE A 103 25.12 3.49 -1.18
N CYS A 104 24.75 3.90 -2.39
CA CYS A 104 23.98 5.12 -2.61
C CYS A 104 22.58 4.70 -3.03
N PHE A 105 21.59 5.00 -2.20
CA PHE A 105 20.21 4.59 -2.44
C PHE A 105 19.41 5.82 -2.89
N ILE A 106 19.09 5.86 -4.18
CA ILE A 106 18.24 6.91 -4.74
C ILE A 106 16.80 6.39 -4.76
N ASP A 107 15.88 7.17 -4.19
CA ASP A 107 14.55 6.66 -3.89
C ASP A 107 13.48 7.71 -4.20
N LYS A 108 12.28 7.23 -4.51
CA LYS A 108 11.08 8.04 -4.65
C LYS A 108 11.28 9.17 -5.67
N PHE A 109 11.43 8.77 -6.93
CA PHE A 109 11.62 9.74 -8.00
C PHE A 109 10.98 9.26 -9.29
N THR A 110 10.66 10.23 -10.14
CA THR A 110 10.23 9.98 -11.51
C THR A 110 10.47 11.25 -12.31
N PRO A 111 10.79 11.15 -13.61
CA PRO A 111 10.96 9.95 -14.43
C PRO A 111 12.24 9.19 -14.10
N PRO A 112 12.35 7.95 -14.59
CA PRO A 112 13.55 7.14 -14.29
C PRO A 112 14.75 7.58 -15.12
N VAL A 113 15.30 8.73 -14.75
CA VAL A 113 16.53 9.25 -15.35
C VAL A 113 17.31 9.95 -14.26
N VAL A 114 18.51 9.46 -13.96
CA VAL A 114 19.37 10.09 -12.96
C VAL A 114 20.82 9.91 -13.39
N ASN A 115 21.62 10.95 -13.15
CA ASN A 115 23.07 10.86 -13.22
C ASN A 115 23.60 10.74 -11.81
N VAL A 116 24.36 9.68 -11.55
CA VAL A 116 24.93 9.42 -10.23
C VAL A 116 26.43 9.31 -10.39
N THR A 117 27.16 10.08 -9.59
CA THR A 117 28.62 10.11 -9.62
C THR A 117 29.16 9.92 -8.21
N TRP A 118 30.07 8.98 -8.05
CA TRP A 118 30.79 8.83 -6.79
C TRP A 118 31.96 9.79 -6.74
N LEU A 119 32.16 10.44 -5.59
CA LEU A 119 33.22 11.40 -5.39
C LEU A 119 34.09 10.95 -4.22
N ARG A 120 35.38 10.81 -4.47
CA ARG A 120 36.37 10.63 -3.40
C ARG A 120 37.16 11.92 -3.30
N ASN A 121 37.01 12.62 -2.18
CA ASN A 121 37.70 13.89 -1.95
C ASN A 121 37.42 14.86 -3.10
N GLY A 122 36.18 14.84 -3.60
CA GLY A 122 35.76 15.73 -4.66
C GLY A 122 36.00 15.21 -6.06
N LYS A 123 36.87 14.22 -6.24
CA LYS A 123 37.21 13.73 -7.58
C LYS A 123 36.25 12.62 -7.99
N PRO A 124 35.75 12.62 -9.23
CA PRO A 124 34.86 11.53 -9.66
C PRO A 124 35.58 10.18 -9.64
N VAL A 125 34.79 9.12 -9.46
CA VAL A 125 35.28 7.75 -9.46
C VAL A 125 34.52 6.98 -10.52
N THR A 126 35.24 6.33 -11.42
CA THR A 126 34.64 5.53 -12.49
C THR A 126 35.29 4.15 -12.57
N THR A 127 35.79 3.65 -11.45
CA THR A 127 36.42 2.33 -11.39
C THR A 127 35.92 1.61 -10.16
N GLY A 128 35.44 0.38 -10.34
CA GLY A 128 34.90 -0.42 -9.25
C GLY A 128 33.44 -0.18 -8.97
N VAL A 129 32.83 0.83 -9.56
CA VAL A 129 31.44 1.17 -9.26
C VAL A 129 30.51 0.25 -10.04
N SER A 130 29.37 -0.08 -9.41
CA SER A 130 28.30 -0.83 -10.05
C SER A 130 26.97 -0.19 -9.69
N GLU A 131 25.94 -0.50 -10.48
CA GLU A 131 24.65 0.12 -10.29
C GLU A 131 23.56 -0.83 -10.78
N THR A 132 22.41 -0.77 -10.11
CA THR A 132 21.24 -1.52 -10.52
C THR A 132 20.41 -0.69 -11.50
N VAL A 133 19.43 -1.33 -12.12
CA VAL A 133 18.48 -0.64 -12.98
C VAL A 133 17.48 0.08 -12.09
N PHE A 134 16.47 0.69 -12.70
CA PHE A 134 15.41 1.35 -11.94
C PHE A 134 14.45 0.30 -11.40
N LEU A 135 14.27 0.29 -10.09
CA LEU A 135 13.48 -0.74 -9.45
C LEU A 135 12.09 -0.23 -9.11
N PRO A 136 11.07 -1.09 -9.15
CA PRO A 136 9.70 -0.63 -8.90
C PRO A 136 9.44 -0.38 -7.43
N ARG A 137 8.40 0.41 -7.18
CA ARG A 137 7.92 0.68 -5.84
C ARG A 137 6.42 0.43 -5.79
N GLU A 138 5.88 0.39 -4.58
CA GLU A 138 4.43 0.24 -4.42
C GLU A 138 3.67 1.48 -4.86
N ASP A 139 4.35 2.62 -4.99
CA ASP A 139 3.70 3.90 -5.26
C ASP A 139 4.16 4.51 -6.58
N HIS A 140 4.24 3.68 -7.62
CA HIS A 140 4.43 4.14 -9.00
C HIS A 140 5.73 4.94 -9.20
N LEU A 141 6.55 5.08 -8.18
CA LEU A 141 7.83 5.75 -8.31
C LEU A 141 8.94 4.70 -8.42
N PHE A 142 10.17 5.16 -8.57
CA PHE A 142 11.30 4.29 -8.79
C PHE A 142 12.38 4.51 -7.75
N ARG A 143 13.26 3.52 -7.63
CA ARG A 143 14.42 3.59 -6.76
C ARG A 143 15.60 2.95 -7.47
N LYS A 144 16.81 3.19 -6.95
CA LYS A 144 18.00 2.78 -7.66
C LYS A 144 19.16 2.69 -6.69
N PHE A 145 20.05 1.74 -6.94
CA PHE A 145 21.23 1.50 -6.10
C PHE A 145 22.51 1.70 -6.90
N HIS A 146 23.48 2.35 -6.26
CA HIS A 146 24.83 2.43 -6.78
C HIS A 146 25.79 1.97 -5.69
N TYR A 147 26.87 1.30 -6.11
CA TYR A 147 27.79 0.65 -5.18
C TYR A 147 29.22 1.10 -5.47
N LEU A 148 29.97 1.34 -4.41
CA LEU A 148 31.37 1.73 -4.51
C LEU A 148 32.18 0.93 -3.50
N PRO A 149 32.82 -0.17 -3.92
CA PRO A 149 33.75 -0.86 -3.02
C PRO A 149 34.97 0.01 -2.73
N PHE A 150 35.33 0.09 -1.45
CA PHE A 150 36.40 0.98 -1.03
C PHE A 150 37.12 0.38 0.17
N LEU A 151 38.33 0.90 0.42
CA LEU A 151 39.10 0.52 1.59
C LEU A 151 38.98 1.65 2.61
N PRO A 152 38.29 1.47 3.73
CA PRO A 152 38.07 2.59 4.65
C PRO A 152 39.39 3.15 5.18
N SER A 153 39.52 4.47 5.11
CA SER A 153 40.69 5.17 5.62
C SER A 153 40.26 6.49 6.25
N THR A 154 41.12 7.00 7.13
CA THR A 154 40.85 8.28 7.78
C THR A 154 41.15 9.48 6.87
N GLU A 155 41.79 9.26 5.73
CA GLU A 155 42.17 10.35 4.84
C GLU A 155 41.16 10.61 3.74
N ASP A 156 40.23 9.69 3.48
CA ASP A 156 39.32 9.78 2.36
C ASP A 156 37.90 10.11 2.83
N VAL A 157 37.27 11.07 2.17
CA VAL A 157 35.85 11.34 2.35
C VAL A 157 35.15 11.02 1.03
N TYR A 158 33.85 10.73 1.13
CA TYR A 158 33.09 10.31 -0.03
C TYR A 158 31.78 11.10 -0.13
N ASP A 159 31.30 11.24 -1.36
CA ASP A 159 30.05 11.91 -1.66
C ASP A 159 29.39 11.22 -2.84
N CYS A 160 28.09 11.00 -2.74
CA CYS A 160 27.29 10.50 -3.86
C CYS A 160 26.51 11.67 -4.45
N ARG A 161 26.87 12.06 -5.67
CA ARG A 161 26.22 13.18 -6.33
C ARG A 161 25.10 12.65 -7.23
N VAL A 162 23.89 13.17 -7.04
CA VAL A 162 22.73 12.79 -7.82
C VAL A 162 22.19 14.03 -8.52
N GLU A 163 21.84 13.88 -9.79
CA GLU A 163 21.27 14.94 -10.59
C GLU A 163 19.94 14.46 -11.16
N HIS A 164 18.88 15.23 -10.93
CA HIS A 164 17.56 14.88 -11.40
C HIS A 164 16.85 16.15 -11.86
N TRP A 165 16.04 16.03 -12.92
CA TRP A 165 15.36 17.19 -13.48
C TRP A 165 14.42 17.85 -12.46
N GLY A 166 13.97 17.11 -11.46
CA GLY A 166 13.18 17.68 -10.39
C GLY A 166 13.99 18.36 -9.31
N LEU A 167 15.32 18.32 -9.42
CA LEU A 167 16.21 18.95 -8.46
C LEU A 167 16.67 20.30 -9.00
N ASP A 168 16.53 21.34 -8.17
CA ASP A 168 17.13 22.63 -8.50
C ASP A 168 18.64 22.52 -8.52
N GLU A 169 19.23 22.09 -7.41
N GLU A 169 19.24 22.11 -7.40
CA GLU A 169 20.66 21.87 -7.25
CA GLU A 169 20.66 21.87 -7.32
C GLU A 169 20.95 20.38 -7.12
C GLU A 169 20.94 20.37 -7.16
N PRO A 170 22.04 19.87 -7.70
CA PRO A 170 22.36 18.45 -7.54
C PRO A 170 22.57 18.09 -6.08
N LEU A 171 22.09 16.92 -5.69
CA LEU A 171 22.20 16.45 -4.32
C LEU A 171 23.57 15.82 -4.07
N LEU A 172 24.15 16.15 -2.91
CA LEU A 172 25.39 15.53 -2.46
C LEU A 172 25.18 15.00 -1.05
N LYS A 173 25.20 13.68 -0.90
CA LYS A 173 25.13 13.03 0.41
C LYS A 173 26.53 12.59 0.81
N HIS A 174 26.91 12.90 2.05
CA HIS A 174 28.29 12.76 2.51
C HIS A 174 28.47 11.51 3.35
N TRP A 175 29.73 11.08 3.45
CA TRP A 175 30.09 9.99 4.33
C TRP A 175 31.59 10.08 4.63
N GLU A 176 31.95 9.86 5.89
CA GLU A 176 33.35 9.87 6.29
C GLU A 176 33.50 9.04 7.55
N PHE A 177 34.73 8.63 7.82
CA PHE A 177 35.06 7.82 8.98
C PHE A 177 34.94 8.65 10.26
N THR B 1 15.52 19.74 -20.40
CA THR B 1 14.50 20.77 -20.27
C THR B 1 13.24 20.38 -21.03
N ARG B 2 13.37 19.45 -21.97
CA ARG B 2 12.25 19.02 -22.77
C ARG B 2 11.25 18.23 -21.93
N PRO B 3 9.99 18.19 -22.33
CA PRO B 3 9.00 17.38 -21.61
C PRO B 3 9.23 15.90 -21.83
N ARG B 4 8.92 15.12 -20.80
CA ARG B 4 9.06 13.67 -20.82
C ARG B 4 7.69 13.02 -20.77
N PHE B 5 7.61 11.82 -21.35
CA PHE B 5 6.36 11.07 -21.43
C PHE B 5 6.67 9.61 -21.12
N LEU B 6 6.09 9.09 -20.05
CA LEU B 6 6.43 7.79 -19.51
C LEU B 6 5.25 6.85 -19.64
N GLU B 7 5.49 5.65 -20.17
CA GLU B 7 4.54 4.56 -20.14
C GLU B 7 5.11 3.46 -19.25
N TYR B 8 4.28 2.93 -18.34
CA TYR B 8 4.76 2.05 -17.29
C TYR B 8 3.69 1.02 -16.97
N SER B 9 4.06 -0.25 -17.04
CA SER B 9 3.12 -1.35 -16.81
C SER B 9 3.72 -2.33 -15.81
N THR B 10 2.88 -2.78 -14.88
CA THR B 10 3.28 -3.77 -13.89
C THR B 10 2.31 -4.95 -13.94
N SER B 11 2.85 -6.16 -13.88
CA SER B 11 2.06 -7.38 -13.77
C SER B 11 2.44 -8.03 -12.45
N GLU B 12 1.54 -7.97 -11.47
CA GLU B 12 1.82 -8.35 -10.10
C GLU B 12 1.19 -9.71 -9.78
N CYS B 13 1.97 -10.56 -9.11
CA CYS B 13 1.49 -11.84 -8.62
C CYS B 13 1.64 -11.85 -7.10
N HIS B 14 0.52 -11.97 -6.39
CA HIS B 14 0.49 -11.91 -4.94
C HIS B 14 0.18 -13.31 -4.41
N PHE B 15 1.08 -13.84 -3.58
CA PHE B 15 0.97 -15.19 -3.06
C PHE B 15 0.70 -15.16 -1.57
N PHE B 16 -0.24 -15.99 -1.13
CA PHE B 16 -0.57 -16.14 0.28
C PHE B 16 -0.56 -17.62 0.61
N ASN B 17 0.10 -17.99 1.71
CA ASN B 17 0.20 -19.39 2.12
C ASN B 17 0.71 -20.25 0.96
N GLY B 18 1.94 -19.97 0.55
CA GLY B 18 2.49 -20.67 -0.60
C GLY B 18 1.74 -20.25 -1.85
N THR B 19 1.26 -21.24 -2.60
CA THR B 19 0.45 -21.01 -3.79
C THR B 19 -1.01 -21.38 -3.59
N GLU B 20 -1.45 -21.56 -2.34
CA GLU B 20 -2.84 -21.92 -2.10
C GLU B 20 -3.78 -20.81 -2.55
N ARG B 21 -3.47 -19.56 -2.18
CA ARG B 21 -4.23 -18.40 -2.61
C ARG B 21 -3.30 -17.51 -3.43
N VAL B 22 -3.66 -17.25 -4.68
CA VAL B 22 -2.86 -16.47 -5.60
C VAL B 22 -3.74 -15.38 -6.21
N ARG B 23 -3.18 -14.18 -6.33
CA ARG B 23 -3.87 -13.05 -6.92
C ARG B 23 -3.00 -12.39 -7.98
N PHE B 24 -3.61 -12.07 -9.11
CA PHE B 24 -2.91 -11.50 -10.26
C PHE B 24 -3.45 -10.11 -10.55
N LEU B 25 -2.55 -9.15 -10.68
CA LEU B 25 -2.86 -7.76 -10.97
C LEU B 25 -2.05 -7.26 -12.15
N GLU B 26 -2.71 -6.49 -13.01
CA GLU B 26 -2.07 -5.84 -14.15
C GLU B 26 -2.41 -4.36 -14.06
N ARG B 27 -1.39 -3.50 -14.13
CA ARG B 27 -1.59 -2.07 -13.96
C ARG B 27 -0.87 -1.30 -15.06
N TYR B 28 -1.57 -0.29 -15.59
CA TYR B 28 -1.06 0.56 -16.67
C TYR B 28 -1.01 2.01 -16.22
N PHE B 29 0.16 2.62 -16.35
CA PHE B 29 0.38 4.00 -15.96
C PHE B 29 0.83 4.82 -17.16
N HIS B 30 0.43 6.08 -17.19
CA HIS B 30 1.00 7.05 -18.11
C HIS B 30 1.45 8.23 -17.27
N ASN B 31 2.72 8.59 -17.40
CA ASN B 31 3.30 9.59 -16.51
C ASN B 31 3.17 9.07 -15.08
N GLN B 32 2.37 9.70 -14.21
CA GLN B 32 2.26 9.23 -12.83
C GLN B 32 0.91 8.60 -12.49
N GLU B 33 0.02 8.42 -13.45
CA GLU B 33 -1.37 8.09 -13.15
C GLU B 33 -1.75 6.74 -13.75
N GLU B 34 -2.37 5.90 -12.93
CA GLU B 34 -2.89 4.62 -13.37
C GLU B 34 -4.20 4.81 -14.12
N ASN B 35 -4.34 4.11 -15.25
CA ASN B 35 -5.48 4.30 -16.13
C ASN B 35 -6.31 3.03 -16.33
N VAL B 36 -5.67 1.88 -16.50
CA VAL B 36 -6.39 0.63 -16.69
C VAL B 36 -5.81 -0.37 -15.71
N ARG B 37 -6.57 -1.43 -15.45
CA ARG B 37 -6.19 -2.35 -14.40
C ARG B 37 -6.97 -3.64 -14.57
N PHE B 38 -6.27 -4.77 -14.53
CA PHE B 38 -6.90 -6.09 -14.50
C PHE B 38 -6.66 -6.69 -13.12
N ASP B 39 -7.75 -7.06 -12.45
CA ASP B 39 -7.70 -7.70 -11.14
C ASP B 39 -8.33 -9.09 -11.29
N SER B 40 -7.59 -10.13 -10.91
CA SER B 40 -8.10 -11.49 -11.02
C SER B 40 -9.34 -11.70 -10.17
N ASP B 41 -9.55 -10.88 -9.13
CA ASP B 41 -10.78 -10.96 -8.36
C ASP B 41 -11.97 -10.44 -9.14
N VAL B 42 -11.75 -9.68 -10.19
CA VAL B 42 -12.82 -9.17 -11.04
C VAL B 42 -12.97 -9.98 -12.32
N GLY B 43 -11.85 -10.36 -12.94
CA GLY B 43 -11.89 -11.07 -14.20
C GLY B 43 -12.10 -10.21 -15.42
N GLU B 44 -12.05 -8.89 -15.27
CA GLU B 44 -12.22 -7.97 -16.39
C GLU B 44 -11.39 -6.73 -16.14
N TYR B 45 -11.09 -6.01 -17.23
CA TYR B 45 -10.42 -4.72 -17.10
C TYR B 45 -11.41 -3.68 -16.60
N ARG B 46 -10.92 -2.77 -15.77
CA ARG B 46 -11.72 -1.66 -15.26
C ARG B 46 -10.94 -0.37 -15.43
N ALA B 47 -11.66 0.71 -15.70
CA ALA B 47 -11.04 2.02 -15.89
C ALA B 47 -10.77 2.66 -14.55
N VAL B 48 -9.51 3.01 -14.31
CA VAL B 48 -9.15 3.76 -13.10
C VAL B 48 -9.38 5.25 -13.32
N THR B 49 -9.22 5.74 -14.54
CA THR B 49 -9.49 7.11 -14.91
C THR B 49 -10.29 7.13 -16.21
N GLU B 50 -10.89 8.28 -16.49
CA GLU B 50 -11.62 8.43 -17.75
C GLU B 50 -10.71 8.35 -18.96
N LEU B 51 -9.40 8.52 -18.77
CA LEU B 51 -8.44 8.38 -19.87
C LEU B 51 -8.24 6.91 -20.25
N GLY B 52 -8.41 6.00 -19.29
CA GLY B 52 -8.24 4.58 -19.54
C GLY B 52 -9.49 3.84 -19.95
N ARG B 53 -10.62 4.54 -20.12
CA ARG B 53 -11.88 3.90 -20.45
C ARG B 53 -11.85 3.27 -21.84
N PRO B 54 -11.26 3.94 -22.84
CA PRO B 54 -11.21 3.31 -24.18
C PRO B 54 -10.44 2.00 -24.21
N ASP B 55 -9.34 1.92 -23.47
CA ASP B 55 -8.55 0.69 -23.45
C ASP B 55 -9.28 -0.42 -22.71
N ALA B 56 -9.89 -0.10 -21.57
CA ALA B 56 -10.61 -1.10 -20.80
C ALA B 56 -11.76 -1.68 -21.63
N GLU B 57 -12.55 -0.83 -22.28
CA GLU B 57 -13.66 -1.31 -23.09
C GLU B 57 -13.16 -2.16 -24.26
N TYR B 58 -12.14 -1.67 -24.96
CA TYR B 58 -11.61 -2.42 -26.10
C TYR B 58 -11.02 -3.75 -25.66
N TRP B 59 -10.26 -3.75 -24.56
CA TRP B 59 -9.66 -4.98 -24.08
C TRP B 59 -10.72 -5.97 -23.58
N ASN B 60 -11.77 -5.45 -22.94
CA ASN B 60 -12.85 -6.32 -22.48
C ASN B 60 -13.69 -6.86 -23.62
N SER B 61 -13.51 -6.36 -24.85
CA SER B 61 -14.20 -6.91 -26.01
C SER B 61 -13.48 -8.12 -26.61
N GLN B 62 -12.25 -8.39 -26.19
CA GLN B 62 -11.46 -9.51 -26.72
C GLN B 62 -11.55 -10.67 -25.76
N LYS B 63 -12.43 -11.62 -26.06
CA LYS B 63 -12.62 -12.77 -25.16
C LYS B 63 -11.34 -13.57 -25.01
N ASP B 64 -10.56 -13.71 -26.10
CA ASP B 64 -9.32 -14.47 -26.03
C ASP B 64 -8.32 -13.85 -25.05
N LEU B 65 -8.31 -12.52 -24.93
CA LEU B 65 -7.40 -11.86 -24.00
C LEU B 65 -7.89 -11.98 -22.56
N LEU B 66 -9.20 -11.82 -22.34
CA LEU B 66 -9.73 -11.97 -20.99
C LEU B 66 -9.50 -13.37 -20.44
N GLU B 67 -9.56 -14.38 -21.31
CA GLU B 67 -9.31 -15.74 -20.85
C GLU B 67 -7.84 -15.94 -20.51
N GLN B 68 -6.94 -15.28 -21.23
CA GLN B 68 -5.52 -15.35 -20.88
C GLN B 68 -5.27 -14.73 -19.51
N ARG B 69 -5.87 -13.58 -19.24
CA ARG B 69 -5.63 -12.90 -17.97
C ARG B 69 -6.29 -13.64 -16.83
N ARG B 70 -7.47 -14.23 -17.07
CA ARG B 70 -8.17 -14.98 -16.03
C ARG B 70 -7.44 -16.25 -15.65
N ALA B 71 -6.60 -16.78 -16.54
CA ALA B 71 -5.82 -17.99 -16.27
C ALA B 71 -4.40 -17.69 -15.82
N ALA B 72 -4.03 -16.42 -15.68
CA ALA B 72 -2.65 -16.07 -15.35
C ALA B 72 -2.25 -16.56 -13.96
N VAL B 73 -3.18 -16.56 -13.01
CA VAL B 73 -2.86 -17.03 -11.66
C VAL B 73 -2.25 -18.43 -11.68
N ASP B 74 -2.58 -19.22 -12.71
CA ASP B 74 -2.01 -20.56 -12.87
C ASP B 74 -0.89 -20.59 -13.91
N THR B 75 -1.14 -20.05 -15.10
CA THR B 75 -0.17 -20.14 -16.18
C THR B 75 0.99 -19.15 -16.02
N TYR B 76 0.81 -18.11 -15.20
CA TYR B 76 1.82 -17.07 -15.03
C TYR B 76 2.32 -16.99 -13.59
N CYS B 77 1.44 -16.75 -12.63
CA CYS B 77 1.88 -16.56 -11.25
C CYS B 77 2.43 -17.86 -10.66
N ARG B 78 1.60 -18.90 -10.61
CA ARG B 78 2.05 -20.15 -10.01
C ARG B 78 3.22 -20.75 -10.77
N HIS B 79 3.27 -20.58 -12.09
CA HIS B 79 4.39 -21.10 -12.87
C HIS B 79 5.70 -20.44 -12.44
N ASN B 80 5.76 -19.11 -12.52
CA ASN B 80 6.99 -18.41 -12.20
C ASN B 80 7.39 -18.60 -10.74
N TYR B 81 6.40 -18.81 -9.87
CA TYR B 81 6.71 -19.10 -8.46
C TYR B 81 7.58 -20.34 -8.34
N GLY B 82 7.20 -21.42 -9.03
CA GLY B 82 7.96 -22.65 -8.95
C GLY B 82 9.31 -22.57 -9.64
N VAL B 83 9.42 -21.73 -10.66
CA VAL B 83 10.69 -21.60 -11.38
C VAL B 83 11.80 -21.18 -10.42
N GLY B 84 11.56 -20.12 -9.64
CA GLY B 84 12.59 -19.57 -8.77
C GLY B 84 12.37 -19.87 -7.29
N GLU B 85 11.49 -20.83 -6.99
CA GLU B 85 11.17 -21.11 -5.60
C GLU B 85 12.41 -21.44 -4.79
N SER B 86 13.34 -22.19 -5.38
CA SER B 86 14.47 -22.72 -4.62
C SER B 86 15.44 -21.63 -4.17
N PHE B 87 15.57 -20.55 -4.96
CA PHE B 87 16.54 -19.50 -4.65
C PHE B 87 15.91 -18.16 -4.34
N THR B 88 14.59 -18.10 -4.11
CA THR B 88 13.94 -16.87 -3.71
C THR B 88 13.09 -17.10 -2.46
N VAL B 89 12.04 -17.91 -2.59
CA VAL B 89 11.18 -18.20 -1.46
C VAL B 89 11.94 -18.92 -0.36
N GLN B 90 12.91 -19.76 -0.74
CA GLN B 90 13.67 -20.55 0.22
C GLN B 90 15.08 -20.03 0.44
N ARG B 91 15.45 -18.91 -0.20
CA ARG B 91 16.73 -18.29 0.07
C ARG B 91 16.81 -17.92 1.55
N ARG B 92 17.92 -18.29 2.18
CA ARG B 92 18.14 -17.98 3.59
C ARG B 92 19.60 -17.64 3.80
N VAL B 93 19.84 -16.50 4.45
CA VAL B 93 21.19 -16.01 4.73
C VAL B 93 21.23 -15.60 6.20
N HIS B 94 22.14 -16.21 6.95
CA HIS B 94 22.19 -15.96 8.39
C HIS B 94 22.64 -14.52 8.67
N PRO B 95 22.19 -13.95 9.78
CA PRO B 95 22.64 -12.60 10.15
C PRO B 95 24.04 -12.63 10.75
N LYS B 96 24.70 -11.48 10.67
CA LYS B 96 25.99 -11.27 11.31
C LYS B 96 25.81 -10.20 12.37
N VAL B 97 25.82 -10.60 13.64
CA VAL B 97 25.48 -9.73 14.76
C VAL B 97 26.76 -9.32 15.47
N THR B 98 26.96 -8.01 15.61
CA THR B 98 28.09 -7.45 16.34
C THR B 98 27.59 -6.29 17.19
N VAL B 99 28.18 -6.13 18.37
CA VAL B 99 27.85 -5.05 19.28
C VAL B 99 29.10 -4.19 19.48
N TYR B 100 28.91 -2.87 19.49
CA TYR B 100 30.00 -1.94 19.72
C TYR B 100 29.42 -0.64 20.28
N PRO B 101 30.13 0.03 21.17
CA PRO B 101 29.61 1.27 21.76
C PRO B 101 29.77 2.47 20.83
N SER B 102 29.01 3.51 21.15
CA SER B 102 29.08 4.78 20.41
C SER B 102 28.67 5.89 21.39
N LYS B 103 28.52 7.10 20.85
CA LYS B 103 28.21 8.26 21.66
C LYS B 103 27.21 9.16 20.95
N THR B 104 26.22 9.64 21.70
CA THR B 104 25.25 10.57 21.14
C THR B 104 25.90 11.92 20.84
N GLN B 105 26.79 12.38 21.72
CA GLN B 105 27.50 13.64 21.52
C GLN B 105 29.00 13.39 21.55
N PRO B 106 29.76 13.91 20.57
CA PRO B 106 31.20 13.61 20.51
C PRO B 106 31.96 13.87 21.80
N LEU B 107 31.61 14.91 22.55
CA LEU B 107 32.35 15.26 23.75
C LEU B 107 31.87 14.52 24.99
N GLN B 108 30.78 13.75 24.90
CA GLN B 108 30.27 12.99 26.02
C GLN B 108 30.88 11.59 26.00
N HIS B 109 30.58 10.79 27.03
CA HIS B 109 31.11 9.44 27.10
C HIS B 109 30.27 8.50 26.23
N HIS B 110 30.72 7.25 26.15
CA HIS B 110 30.00 6.19 25.43
C HIS B 110 28.66 5.91 26.09
N ASN B 111 27.59 6.52 25.59
CA ASN B 111 26.24 6.32 26.11
C ASN B 111 25.31 5.72 25.08
N LEU B 112 25.85 5.00 24.09
CA LEU B 112 25.06 4.47 22.99
C LEU B 112 25.63 3.11 22.58
N LEU B 113 24.86 2.05 22.78
CA LEU B 113 25.26 0.71 22.36
C LEU B 113 24.58 0.37 21.05
N VAL B 114 25.38 0.09 20.02
CA VAL B 114 24.88 -0.22 18.69
C VAL B 114 24.90 -1.73 18.51
N CYS B 115 23.78 -2.29 18.06
CA CYS B 115 23.70 -3.70 17.69
C CYS B 115 23.51 -3.76 16.18
N SER B 116 24.58 -4.11 15.47
CA SER B 116 24.55 -4.20 14.02
C SER B 116 24.14 -5.60 13.59
N VAL B 117 23.10 -5.68 12.76
CA VAL B 117 22.59 -6.93 12.23
C VAL B 117 22.56 -6.79 10.72
N SER B 118 23.50 -7.44 10.04
CA SER B 118 23.72 -7.20 8.62
C SER B 118 23.83 -8.51 7.86
N GLY B 119 23.60 -8.43 6.54
CA GLY B 119 23.86 -9.53 5.64
C GLY B 119 22.85 -10.66 5.67
N PHE B 120 21.61 -10.39 6.09
CA PHE B 120 20.61 -11.44 6.24
C PHE B 120 19.55 -11.32 5.15
N TYR B 121 18.83 -12.43 4.96
CA TYR B 121 17.72 -12.52 4.03
C TYR B 121 16.82 -13.63 4.53
N PRO B 122 15.48 -13.45 4.50
CA PRO B 122 14.70 -12.31 4.01
C PRO B 122 14.69 -11.11 4.95
N GLY B 123 13.86 -10.11 4.61
CA GLY B 123 13.83 -8.86 5.33
C GLY B 123 13.29 -8.96 6.74
N SER B 124 12.57 -10.03 7.05
CA SER B 124 12.01 -10.18 8.40
C SER B 124 13.13 -10.24 9.42
N ILE B 125 12.96 -9.48 10.50
CA ILE B 125 13.95 -9.44 11.58
C ILE B 125 13.28 -8.87 12.82
N GLU B 126 13.73 -9.32 13.99
CA GLU B 126 13.25 -8.82 15.27
C GLU B 126 14.44 -8.74 16.21
N VAL B 127 14.68 -7.55 16.77
CA VAL B 127 15.84 -7.30 17.62
C VAL B 127 15.36 -6.73 18.95
N ARG B 128 15.98 -7.18 20.04
CA ARG B 128 15.60 -6.76 21.38
C ARG B 128 16.86 -6.55 22.21
N TRP B 129 16.81 -5.56 23.10
CA TRP B 129 17.91 -5.28 24.03
C TRP B 129 17.56 -5.77 25.42
N PHE B 130 18.59 -6.11 26.20
CA PHE B 130 18.40 -6.57 27.57
C PHE B 130 19.50 -6.00 28.45
N ARG B 131 19.12 -5.49 29.62
CA ARG B 131 20.05 -5.10 30.66
C ARG B 131 19.93 -6.09 31.81
N ASN B 132 20.99 -6.87 32.03
CA ASN B 132 21.04 -7.83 33.13
C ASN B 132 19.83 -8.76 33.13
N GLY B 133 19.51 -9.31 31.95
CA GLY B 133 18.44 -10.26 31.82
C GLY B 133 17.04 -9.67 31.74
N GLN B 134 16.88 -8.38 31.97
CA GLN B 134 15.61 -7.69 31.84
C GLN B 134 15.60 -6.88 30.55
N GLU B 135 14.50 -6.99 29.80
CA GLU B 135 14.43 -6.31 28.51
C GLU B 135 14.33 -4.81 28.69
N GLU B 136 15.12 -4.08 27.91
CA GLU B 136 15.02 -2.63 27.84
C GLU B 136 14.19 -2.26 26.62
N LYS B 137 13.04 -1.62 26.87
CA LYS B 137 12.14 -1.20 25.80
C LYS B 137 12.14 0.31 25.61
N THR B 138 12.59 1.06 26.61
CA THR B 138 12.71 2.50 26.53
C THR B 138 14.15 2.88 26.19
N GLY B 139 14.31 3.88 25.34
CA GLY B 139 15.62 4.33 24.93
C GLY B 139 16.19 3.64 23.72
N VAL B 140 15.38 2.89 22.98
CA VAL B 140 15.83 2.17 21.80
C VAL B 140 15.44 2.95 20.56
N VAL B 141 16.43 3.29 19.74
CA VAL B 141 16.22 3.87 18.43
C VAL B 141 16.89 2.97 17.40
N SER B 142 16.38 3.00 16.18
CA SER B 142 16.87 2.10 15.15
C SER B 142 16.82 2.80 13.81
N THR B 143 17.65 2.30 12.87
CA THR B 143 17.58 2.75 11.49
C THR B 143 16.36 2.20 10.77
N GLY B 144 15.75 1.14 11.31
CA GLY B 144 14.75 0.41 10.57
C GLY B 144 15.40 -0.61 9.66
N LEU B 145 14.55 -1.36 8.96
CA LEU B 145 15.04 -2.35 8.02
C LEU B 145 15.66 -1.65 6.80
N ILE B 146 16.93 -1.95 6.55
CA ILE B 146 17.67 -1.37 5.43
C ILE B 146 17.85 -2.44 4.38
N HIS B 147 17.40 -2.15 3.16
CA HIS B 147 17.61 -3.03 2.02
C HIS B 147 18.88 -2.61 1.30
N ASN B 148 19.82 -3.54 1.16
CA ASN B 148 21.08 -3.26 0.47
C ASN B 148 20.97 -3.37 -1.05
N GLY B 149 19.81 -3.77 -1.56
CA GLY B 149 19.61 -3.87 -2.99
C GLY B 149 20.22 -5.09 -3.64
N ASP B 150 20.79 -6.00 -2.87
CA ASP B 150 21.50 -7.16 -3.40
C ASP B 150 21.05 -8.44 -2.70
N TRP B 151 19.75 -8.54 -2.42
CA TRP B 151 19.19 -9.70 -1.74
C TRP B 151 19.76 -9.87 -0.34
N THR B 152 20.08 -8.75 0.31
CA THR B 152 20.50 -8.76 1.70
C THR B 152 19.95 -7.51 2.38
N PHE B 153 19.79 -7.61 3.70
CA PHE B 153 19.28 -6.51 4.51
C PHE B 153 20.21 -6.28 5.68
N GLN B 154 20.07 -5.13 6.32
CA GLN B 154 20.80 -4.83 7.54
C GLN B 154 19.98 -3.87 8.39
N THR B 155 20.42 -3.69 9.63
CA THR B 155 19.76 -2.75 10.53
C THR B 155 20.67 -2.48 11.71
N LEU B 156 20.62 -1.26 12.22
CA LEU B 156 21.26 -0.89 13.48
C LEU B 156 20.19 -0.61 14.51
N VAL B 157 20.27 -1.29 15.66
CA VAL B 157 19.34 -1.10 16.76
C VAL B 157 20.16 -0.61 17.94
N MET B 158 20.00 0.67 18.26
CA MET B 158 20.85 1.35 19.23
C MET B 158 20.10 1.55 20.54
N LEU B 159 20.85 1.51 21.64
CA LEU B 159 20.30 1.65 22.98
C LEU B 159 20.98 2.83 23.67
N GLU B 160 20.20 3.85 23.98
CA GLU B 160 20.70 5.01 24.71
C GLU B 160 20.71 4.66 26.19
N THR B 161 21.90 4.48 26.76
CA THR B 161 22.03 4.04 28.14
C THR B 161 23.36 4.52 28.69
N VAL B 162 23.45 4.57 30.01
CA VAL B 162 24.70 4.90 30.70
C VAL B 162 25.23 3.61 31.33
N PRO B 163 26.18 2.93 30.70
CA PRO B 163 26.64 1.65 31.26
C PRO B 163 27.35 1.85 32.59
N ARG B 164 27.04 0.96 33.54
CA ARG B 164 27.68 0.95 34.84
C ARG B 164 28.57 -0.28 34.92
N SER B 165 29.70 -0.17 35.62
CA SER B 165 30.62 -1.28 35.71
C SER B 165 29.92 -2.50 36.29
N GLY B 166 30.11 -3.65 35.65
CA GLY B 166 29.50 -4.89 36.05
C GLY B 166 28.27 -5.27 35.27
N GLU B 167 27.60 -4.31 34.64
CA GLU B 167 26.37 -4.61 33.91
C GLU B 167 26.67 -5.31 32.60
N VAL B 168 25.81 -6.27 32.24
CA VAL B 168 25.92 -6.99 30.98
C VAL B 168 24.72 -6.63 30.11
N TYR B 169 24.98 -6.22 28.89
CA TYR B 169 23.93 -5.91 27.92
C TYR B 169 23.90 -6.99 26.85
N THR B 170 22.70 -7.41 26.47
CA THR B 170 22.52 -8.50 25.51
C THR B 170 21.63 -8.00 24.37
N CYS B 171 22.12 -8.17 23.14
CA CYS B 171 21.31 -7.96 21.95
C CYS B 171 20.80 -9.30 21.46
N GLN B 172 19.48 -9.45 21.37
CA GLN B 172 18.84 -10.69 20.99
C GLN B 172 18.18 -10.54 19.63
N VAL B 173 18.48 -11.45 18.72
CA VAL B 173 18.03 -11.36 17.34
C VAL B 173 17.20 -12.59 17.00
N GLU B 174 16.09 -12.38 16.30
CA GLU B 174 15.24 -13.44 15.79
C GLU B 174 15.12 -13.28 14.28
N HIS B 175 15.33 -14.37 13.55
CA HIS B 175 15.32 -14.32 12.10
C HIS B 175 14.85 -15.67 11.58
N PRO B 176 14.10 -15.72 10.47
CA PRO B 176 13.61 -17.01 9.99
C PRO B 176 14.71 -18.02 9.71
N SER B 177 15.95 -17.56 9.53
CA SER B 177 17.06 -18.46 9.22
C SER B 177 17.61 -19.17 10.45
N VAL B 178 17.18 -18.79 11.66
CA VAL B 178 17.66 -19.43 12.87
C VAL B 178 16.46 -19.86 13.72
N THR B 179 16.66 -20.94 14.47
CA THR B 179 15.58 -21.50 15.28
C THR B 179 15.46 -20.74 16.60
N SER B 180 16.48 -20.84 17.44
CA SER B 180 16.44 -20.18 18.73
C SER B 180 16.98 -18.76 18.61
N PRO B 181 16.60 -17.85 19.51
CA PRO B 181 17.12 -16.48 19.42
C PRO B 181 18.64 -16.45 19.46
N LEU B 182 19.20 -15.46 18.78
CA LEU B 182 20.64 -15.26 18.74
C LEU B 182 21.02 -14.11 19.66
N THR B 183 21.99 -14.34 20.54
CA THR B 183 22.36 -13.39 21.57
C THR B 183 23.84 -13.00 21.46
N VAL B 184 24.10 -11.71 21.68
CA VAL B 184 25.46 -11.17 21.73
C VAL B 184 25.54 -10.28 22.98
N GLU B 185 26.55 -10.51 23.81
CA GLU B 185 26.69 -9.80 25.07
C GLU B 185 27.79 -8.76 24.99
N TRP B 186 27.63 -7.70 25.79
CA TRP B 186 28.62 -6.64 25.92
C TRP B 186 28.69 -6.26 27.39
N ARG B 187 29.90 -6.28 27.94
CA ARG B 187 30.12 -6.03 29.36
C ARG B 187 30.85 -4.70 29.55
N ALA B 188 30.50 -3.99 30.63
CA ALA B 188 31.12 -2.71 30.94
C ALA B 188 32.24 -2.91 31.96
N GLU C 1 -2.48 -8.77 9.02
CA GLU C 1 -3.61 -9.57 9.47
C GLU C 1 -4.75 -8.67 9.94
N HIS C 2 -4.41 -7.63 10.70
CA HIS C 2 -5.39 -6.66 11.16
C HIS C 2 -4.72 -5.30 11.30
N VAL C 3 -5.52 -4.24 11.13
CA VAL C 3 -5.02 -2.87 11.15
C VAL C 3 -6.04 -1.99 11.86
N ILE C 4 -5.57 -1.22 12.84
CA ILE C 4 -6.39 -0.23 13.53
C ILE C 4 -5.82 1.15 13.21
N ILE C 5 -6.69 2.07 12.79
CA ILE C 5 -6.29 3.41 12.37
C ILE C 5 -7.10 4.42 13.16
N GLN C 6 -6.41 5.44 13.67
CA GLN C 6 -7.04 6.60 14.29
C GLN C 6 -6.88 7.77 13.34
N ALA C 7 -7.96 8.15 12.67
CA ALA C 7 -7.94 9.20 11.66
C ALA C 7 -8.60 10.46 12.23
N GLU C 8 -7.98 11.60 11.97
CA GLU C 8 -8.51 12.88 12.41
C GLU C 8 -8.06 13.97 11.46
N PHE C 9 -8.95 14.91 11.16
CA PHE C 9 -8.61 16.03 10.30
C PHE C 9 -9.34 17.27 10.76
N TYR C 10 -8.82 18.42 10.33
CA TYR C 10 -9.50 19.70 10.46
C TYR C 10 -9.34 20.45 9.16
N LEU C 11 -10.39 21.16 8.75
CA LEU C 11 -10.47 21.75 7.42
C LEU C 11 -10.90 23.21 7.51
N ASN C 12 -10.15 24.10 6.85
CA ASN C 12 -10.47 25.50 6.72
C ASN C 12 -10.78 25.85 5.26
N PRO C 13 -11.64 26.84 5.00
CA PRO C 13 -12.33 27.69 5.98
C PRO C 13 -13.59 27.05 6.53
N ASP C 14 -13.93 25.85 6.04
CA ASP C 14 -15.14 25.17 6.50
C ASP C 14 -15.15 24.96 8.00
N GLN C 15 -13.98 24.92 8.64
CA GLN C 15 -13.88 24.68 10.08
C GLN C 15 -14.58 23.38 10.46
N SER C 16 -14.38 22.35 9.66
CA SER C 16 -14.94 21.02 9.91
C SER C 16 -13.86 20.12 10.49
N GLY C 17 -14.22 19.41 11.55
CA GLY C 17 -13.32 18.47 12.19
C GLY C 17 -13.90 17.09 12.25
N GLU C 18 -13.05 16.07 12.43
CA GLU C 18 -13.53 14.71 12.51
C GLU C 18 -12.51 13.88 13.28
N PHE C 19 -13.01 12.93 14.07
CA PHE C 19 -12.19 11.99 14.80
C PHE C 19 -12.88 10.63 14.75
N MET C 20 -12.16 9.62 14.29
CA MET C 20 -12.77 8.31 14.12
C MET C 20 -11.71 7.22 14.18
N PHE C 21 -12.15 6.02 14.56
CA PHE C 21 -11.33 4.82 14.56
C PHE C 21 -11.76 3.90 13.43
N ASP C 22 -10.81 3.09 12.95
CA ASP C 22 -11.06 2.21 11.81
C ASP C 22 -10.43 0.85 12.08
N PHE C 23 -11.12 -0.21 11.68
CA PHE C 23 -10.63 -1.58 11.82
C PHE C 23 -10.82 -2.29 10.49
N ASP C 24 -9.72 -2.46 9.74
CA ASP C 24 -9.72 -3.12 8.45
C ASP C 24 -10.80 -2.53 7.53
N GLY C 25 -10.86 -1.20 7.49
CA GLY C 25 -11.73 -0.50 6.57
C GLY C 25 -13.12 -0.19 7.09
N ASP C 26 -13.44 -0.58 8.32
CA ASP C 26 -14.74 -0.33 8.90
C ASP C 26 -14.62 0.64 10.07
N GLU C 27 -15.67 1.42 10.28
CA GLU C 27 -15.68 2.41 11.35
C GLU C 27 -16.08 1.74 12.66
N ILE C 28 -15.22 1.84 13.68
CA ILE C 28 -15.62 1.42 15.01
C ILE C 28 -16.48 2.50 15.66
N PHE C 29 -16.07 3.76 15.53
CA PHE C 29 -16.79 4.88 16.11
C PHE C 29 -16.16 6.17 15.61
N HIS C 30 -16.95 7.23 15.63
CA HIS C 30 -16.47 8.59 15.42
C HIS C 30 -16.99 9.45 16.57
N VAL C 31 -16.43 10.65 16.67
CA VAL C 31 -16.83 11.60 17.71
C VAL C 31 -17.59 12.74 17.02
N ASP C 32 -18.87 12.88 17.36
CA ASP C 32 -19.68 13.95 16.83
C ASP C 32 -19.24 15.28 17.45
N MET C 33 -18.86 16.22 16.59
CA MET C 33 -18.32 17.50 17.07
C MET C 33 -19.38 18.32 17.79
N ALA C 34 -20.58 18.42 17.19
CA ALA C 34 -21.63 19.24 17.78
C ALA C 34 -22.07 18.69 19.14
N LYS C 35 -22.27 17.38 19.22
CA LYS C 35 -22.74 16.76 20.45
C LYS C 35 -21.63 16.40 21.43
N LYS C 36 -20.37 16.49 21.00
CA LYS C 36 -19.24 16.11 21.85
C LYS C 36 -19.47 14.75 22.49
N GLU C 37 -19.86 13.79 21.64
CA GLU C 37 -20.23 12.46 22.10
C GLU C 37 -19.66 11.42 21.15
N THR C 38 -19.37 10.23 21.70
CA THR C 38 -18.88 9.12 20.91
C THR C 38 -20.05 8.41 20.25
N VAL C 39 -20.02 8.33 18.92
CA VAL C 39 -21.06 7.66 18.13
C VAL C 39 -20.49 6.33 17.65
N TRP C 40 -21.16 5.24 18.00
CA TRP C 40 -20.74 3.90 17.58
C TRP C 40 -21.36 3.55 16.24
N ARG C 41 -20.55 2.94 15.37
CA ARG C 41 -21.04 2.55 14.05
C ARG C 41 -22.16 1.52 14.17
N LEU C 42 -22.04 0.60 15.12
CA LEU C 42 -23.10 -0.35 15.44
C LEU C 42 -23.43 -0.19 16.92
N GLU C 43 -24.73 -0.04 17.22
CA GLU C 43 -25.15 0.20 18.59
C GLU C 43 -24.60 -0.84 19.56
N GLU C 44 -24.39 -2.07 19.08
CA GLU C 44 -23.89 -3.13 19.95
C GLU C 44 -22.51 -2.80 20.50
N PHE C 45 -21.72 -2.01 19.77
CA PHE C 45 -20.37 -1.69 20.23
C PHE C 45 -20.39 -0.96 21.56
N GLY C 46 -21.35 -0.04 21.74
CA GLY C 46 -21.42 0.74 22.96
C GLY C 46 -21.57 -0.10 24.21
N ARG C 47 -22.03 -1.34 24.08
CA ARG C 47 -22.21 -2.23 25.22
C ARG C 47 -20.94 -3.02 25.55
N PHE C 48 -19.91 -2.94 24.72
CA PHE C 48 -18.69 -3.69 24.92
C PHE C 48 -17.46 -2.83 25.17
N ALA C 49 -17.48 -1.56 24.78
CA ALA C 49 -16.33 -0.69 24.96
C ALA C 49 -16.81 0.73 25.14
N SER C 50 -15.88 1.62 25.48
CA SER C 50 -16.19 3.03 25.72
C SER C 50 -15.04 3.87 25.18
N PHE C 51 -15.26 5.18 25.18
CA PHE C 51 -14.22 6.12 24.75
C PHE C 51 -14.55 7.50 25.29
N GLU C 52 -13.54 8.16 25.86
CA GLU C 52 -13.69 9.50 26.42
C GLU C 52 -13.60 10.50 25.27
N ALA C 53 -14.75 11.02 24.85
CA ALA C 53 -14.80 11.92 23.69
C ALA C 53 -13.96 13.18 23.90
N GLN C 54 -13.67 13.54 25.15
CA GLN C 54 -12.86 14.73 25.39
C GLN C 54 -11.48 14.61 24.78
N GLY C 55 -10.96 13.39 24.67
CA GLY C 55 -9.68 13.20 24.01
C GLY C 55 -9.73 13.62 22.55
N ALA C 56 -10.76 13.18 21.83
CA ALA C 56 -10.92 13.56 20.43
C ALA C 56 -11.01 15.08 20.30
N LEU C 57 -11.89 15.70 21.08
CA LEU C 57 -12.04 17.15 21.03
C LEU C 57 -10.73 17.86 21.34
N ALA C 58 -9.91 17.30 22.24
CA ALA C 58 -8.61 17.88 22.53
C ALA C 58 -7.67 17.76 21.34
N ASN C 59 -7.68 16.61 20.66
CA ASN C 59 -6.83 16.43 19.49
C ASN C 59 -7.20 17.40 18.39
N ILE C 60 -8.49 17.48 18.06
CA ILE C 60 -8.93 18.38 16.99
C ILE C 60 -8.47 19.80 17.28
N ALA C 61 -8.52 20.22 18.55
CA ALA C 61 -8.00 21.53 18.92
C ALA C 61 -6.55 21.70 18.47
N VAL C 62 -5.73 20.66 18.68
CA VAL C 62 -4.35 20.71 18.24
C VAL C 62 -4.28 20.71 16.71
N ASP C 63 -5.07 19.85 16.07
CA ASP C 63 -5.12 19.81 14.61
C ASP C 63 -5.42 21.20 14.04
N LYS C 64 -6.38 21.91 14.66
CA LYS C 64 -6.66 23.27 14.23
C LYS C 64 -5.43 24.15 14.33
N ALA C 65 -4.77 24.13 15.50
CA ALA C 65 -3.60 24.97 15.69
C ALA C 65 -2.50 24.62 14.70
N ASN C 66 -2.31 23.32 14.42
CA ASN C 66 -1.30 22.92 13.45
C ASN C 66 -1.68 23.37 12.04
N LEU C 67 -2.97 23.34 11.71
CA LEU C 67 -3.39 23.76 10.38
C LEU C 67 -2.98 25.20 10.11
N GLU C 68 -3.16 26.08 11.10
CA GLU C 68 -2.72 27.47 10.93
C GLU C 68 -1.23 27.54 10.67
N ILE C 69 -0.43 26.84 11.48
CA ILE C 69 1.02 26.85 11.31
C ILE C 69 1.40 26.38 9.91
N MET C 70 0.85 25.23 9.49
CA MET C 70 1.24 24.66 8.20
C MET C 70 0.75 25.53 7.04
N THR C 71 -0.42 26.15 7.19
CA THR C 71 -0.90 27.06 6.16
C THR C 71 0.07 28.21 5.96
N LYS C 72 0.60 28.76 7.07
CA LYS C 72 1.60 29.81 6.97
C LYS C 72 2.90 29.28 6.37
N ARG C 73 3.40 28.18 6.92
CA ARG C 73 4.69 27.65 6.47
C ARG C 73 4.68 27.27 5.00
N SER C 74 3.53 26.83 4.49
CA SER C 74 3.38 26.50 3.08
C SER C 74 2.88 27.68 2.25
N ASN C 75 2.87 28.89 2.82
CA ASN C 75 2.48 30.09 2.10
C ASN C 75 1.11 29.95 1.46
N TYR C 76 0.19 29.30 2.19
CA TYR C 76 -1.23 29.27 1.82
C TYR C 76 -1.44 28.53 0.50
N THR C 77 -0.67 27.48 0.28
CA THR C 77 -0.91 26.60 -0.86
C THR C 77 -2.25 25.90 -0.68
N PRO C 78 -3.20 26.07 -1.58
CA PRO C 78 -4.49 25.39 -1.42
C PRO C 78 -4.42 23.93 -1.83
N ILE C 79 -5.33 23.14 -1.27
CA ILE C 79 -5.43 21.74 -1.63
C ILE C 79 -6.00 21.63 -3.04
N THR C 80 -5.44 20.73 -3.84
CA THR C 80 -5.98 20.44 -5.16
C THR C 80 -7.15 19.47 -5.02
N ASN C 81 -8.26 19.81 -5.64
CA ASN C 81 -9.46 18.97 -5.54
C ASN C 81 -9.27 17.69 -6.35
N VAL C 82 -9.65 16.57 -5.74
CA VAL C 82 -9.70 15.28 -6.44
C VAL C 82 -11.16 14.83 -6.45
N PRO C 83 -11.82 14.78 -7.61
CA PRO C 83 -13.25 14.47 -7.62
C PRO C 83 -13.50 13.01 -7.29
N PRO C 84 -14.69 12.67 -6.80
CA PRO C 84 -14.94 11.30 -6.35
C PRO C 84 -15.31 10.35 -7.48
N GLU C 85 -15.13 9.07 -7.18
CA GLU C 85 -15.71 7.98 -7.96
C GLU C 85 -16.95 7.48 -7.22
N VAL C 86 -18.08 7.41 -7.92
CA VAL C 86 -19.36 7.13 -7.30
C VAL C 86 -19.89 5.81 -7.83
N THR C 87 -20.46 5.00 -6.94
CA THR C 87 -21.05 3.72 -7.32
C THR C 87 -22.34 3.53 -6.52
N VAL C 88 -23.36 3.03 -7.22
CA VAL C 88 -24.64 2.71 -6.61
C VAL C 88 -24.84 1.20 -6.68
N LEU C 89 -25.43 0.64 -5.63
CA LEU C 89 -25.65 -0.80 -5.55
C LEU C 89 -26.63 -1.08 -4.41
N THR C 90 -27.08 -2.32 -4.34
CA THR C 90 -27.92 -2.80 -3.25
C THR C 90 -27.15 -3.83 -2.45
N ASN C 91 -27.53 -3.97 -1.17
CA ASN C 91 -26.83 -4.87 -0.28
C ASN C 91 -27.29 -6.32 -0.40
N SER C 92 -28.15 -6.62 -1.37
CA SER C 92 -28.58 -7.99 -1.63
C SER C 92 -29.31 -8.01 -2.97
N PRO C 93 -29.41 -9.19 -3.59
CA PRO C 93 -30.18 -9.29 -4.85
C PRO C 93 -31.62 -8.85 -4.63
N VAL C 94 -32.13 -8.11 -5.61
CA VAL C 94 -33.37 -7.36 -5.46
C VAL C 94 -34.55 -8.22 -5.91
N GLU C 95 -35.65 -8.12 -5.16
CA GLU C 95 -36.88 -8.82 -5.46
C GLU C 95 -38.05 -7.89 -5.18
N LEU C 96 -39.06 -7.93 -6.06
CA LEU C 96 -40.16 -7.00 -5.96
C LEU C 96 -40.86 -7.10 -4.62
N ARG C 97 -41.21 -5.94 -4.05
CA ARG C 97 -41.95 -5.85 -2.80
C ARG C 97 -41.20 -6.45 -1.63
N GLU C 98 -39.89 -6.67 -1.78
CA GLU C 98 -39.06 -7.21 -0.70
C GLU C 98 -38.11 -6.13 -0.22
N PRO C 99 -38.13 -5.73 1.06
CA PRO C 99 -37.28 -4.63 1.51
C PRO C 99 -35.81 -4.84 1.16
N ASN C 100 -35.15 -3.75 0.80
CA ASN C 100 -33.73 -3.77 0.44
C ASN C 100 -33.15 -2.42 0.80
N VAL C 101 -31.87 -2.21 0.45
CA VAL C 101 -31.16 -0.98 0.78
C VAL C 101 -30.28 -0.60 -0.40
N LEU C 102 -30.39 0.64 -0.86
CA LEU C 102 -29.49 1.18 -1.87
C LEU C 102 -28.28 1.82 -1.18
N ILE C 103 -27.10 1.54 -1.73
CA ILE C 103 -25.85 2.03 -1.18
C ILE C 103 -25.21 2.95 -2.21
N CYS C 104 -24.77 4.14 -1.76
CA CYS C 104 -24.03 5.07 -2.61
C CYS C 104 -22.64 5.22 -2.01
N PHE C 105 -21.63 4.77 -2.74
CA PHE C 105 -20.26 4.71 -2.27
C PHE C 105 -19.43 5.77 -2.99
N ILE C 106 -19.11 6.85 -2.29
CA ILE C 106 -18.31 7.95 -2.82
C ILE C 106 -16.87 7.69 -2.39
N ASP C 107 -15.95 7.64 -3.36
CA ASP C 107 -14.61 7.15 -3.12
C ASP C 107 -13.57 8.02 -3.83
N LYS C 108 -12.37 8.06 -3.23
CA LYS C 108 -11.18 8.66 -3.85
C LYS C 108 -11.38 10.15 -4.13
N PHE C 109 -11.71 10.90 -3.08
CA PHE C 109 -11.90 12.33 -3.22
C PHE C 109 -11.23 13.07 -2.07
N THR C 110 -10.91 14.34 -2.34
CA THR C 110 -10.47 15.29 -1.32
C THR C 110 -10.76 16.69 -1.85
N PRO C 111 -11.08 17.65 -0.98
CA PRO C 111 -11.19 17.56 0.49
C PRO C 111 -12.43 16.81 0.95
N PRO C 112 -12.51 16.45 2.23
CA PRO C 112 -13.68 15.73 2.73
C PRO C 112 -14.89 16.64 2.84
N VAL C 113 -15.44 17.02 1.69
CA VAL C 113 -16.64 17.85 1.63
C VAL C 113 -17.43 17.42 0.39
N VAL C 114 -18.71 17.12 0.57
CA VAL C 114 -19.52 16.63 -0.54
C VAL C 114 -20.99 16.81 -0.18
N ASN C 115 -21.80 17.09 -1.18
CA ASN C 115 -23.25 17.10 -1.05
C ASN C 115 -23.81 15.88 -1.76
N VAL C 116 -24.58 15.08 -1.05
CA VAL C 116 -25.14 13.84 -1.58
C VAL C 116 -26.66 13.90 -1.44
N THR C 117 -27.37 13.50 -2.49
CA THR C 117 -28.83 13.53 -2.49
C THR C 117 -29.35 12.27 -3.17
N TRP C 118 -30.23 11.55 -2.48
CA TRP C 118 -30.95 10.46 -3.11
C TRP C 118 -32.15 11.01 -3.88
N LEU C 119 -32.37 10.46 -5.06
CA LEU C 119 -33.47 10.88 -5.92
C LEU C 119 -34.33 9.65 -6.23
N ARG C 120 -35.63 9.75 -5.95
CA ARG C 120 -36.60 8.76 -6.37
C ARG C 120 -37.44 9.38 -7.47
N ASN C 121 -37.23 8.93 -8.71
CA ASN C 121 -37.91 9.49 -9.88
C ASN C 121 -37.54 10.96 -10.06
N GLY C 122 -36.27 11.28 -9.85
CA GLY C 122 -35.78 12.64 -9.98
C GLY C 122 -36.15 13.56 -8.85
N LYS C 123 -36.86 13.08 -7.83
CA LYS C 123 -37.28 13.90 -6.70
C LYS C 123 -36.42 13.61 -5.49
N PRO C 124 -35.94 14.64 -4.78
CA PRO C 124 -35.03 14.39 -3.65
C PRO C 124 -35.74 13.71 -2.49
N VAL C 125 -35.12 12.66 -1.96
CA VAL C 125 -35.64 11.93 -0.82
C VAL C 125 -34.95 12.47 0.42
N THR C 126 -35.72 13.13 1.29
CA THR C 126 -35.18 13.83 2.45
C THR C 126 -35.52 13.14 3.77
N THR C 127 -35.89 11.86 3.72
CA THR C 127 -36.25 11.13 4.93
C THR C 127 -35.97 9.65 4.72
N GLY C 128 -35.63 8.97 5.80
CA GLY C 128 -35.28 7.56 5.72
C GLY C 128 -33.89 7.32 5.17
N VAL C 129 -32.94 8.18 5.51
CA VAL C 129 -31.59 8.12 4.96
C VAL C 129 -30.59 8.12 6.10
N SER C 130 -29.46 7.44 5.88
CA SER C 130 -28.34 7.46 6.81
C SER C 130 -27.06 7.56 6.00
N GLU C 131 -25.99 7.97 6.67
CA GLU C 131 -24.71 8.14 6.01
C GLU C 131 -23.58 7.93 7.01
N THR C 132 -22.42 7.56 6.51
CA THR C 132 -21.22 7.46 7.33
C THR C 132 -20.47 8.78 7.27
N VAL C 133 -19.53 8.93 8.20
CA VAL C 133 -18.60 10.06 8.16
C VAL C 133 -17.59 9.78 7.07
N PHE C 134 -16.68 10.72 6.83
CA PHE C 134 -15.62 10.50 5.88
C PHE C 134 -14.64 9.46 6.43
N LEU C 135 -14.35 8.43 5.63
CA LEU C 135 -13.56 7.31 6.10
C LEU C 135 -12.18 7.33 5.44
N PRO C 136 -11.16 6.82 6.12
CA PRO C 136 -9.80 6.88 5.58
C PRO C 136 -9.57 5.79 4.53
N ARG C 137 -8.52 6.01 3.74
CA ARG C 137 -8.10 5.08 2.71
C ARG C 137 -6.64 4.72 2.90
N GLU C 138 -6.18 3.74 2.14
CA GLU C 138 -4.75 3.42 2.14
C GLU C 138 -3.92 4.64 1.74
N ASP C 139 -4.41 5.40 0.76
CA ASP C 139 -3.81 6.68 0.41
C ASP C 139 -4.43 7.76 1.29
N HIS C 140 -4.16 9.03 0.95
CA HIS C 140 -4.65 10.15 1.75
C HIS C 140 -6.09 10.52 1.45
N LEU C 141 -6.70 9.93 0.42
CA LEU C 141 -8.05 10.32 0.03
C LEU C 141 -9.08 9.75 1.00
N PHE C 142 -10.34 10.07 0.77
CA PHE C 142 -11.43 9.70 1.66
C PHE C 142 -12.51 8.96 0.88
N ARG C 143 -13.38 8.29 1.62
CA ARG C 143 -14.54 7.60 1.06
C ARG C 143 -15.72 7.81 2.00
N LYS C 144 -16.91 7.43 1.53
CA LYS C 144 -18.12 7.70 2.27
C LYS C 144 -19.23 6.78 1.77
N PHE C 145 -20.24 6.58 2.62
CA PHE C 145 -21.39 5.75 2.29
C PHE C 145 -22.68 6.49 2.62
N HIS C 146 -23.64 6.41 1.72
CA HIS C 146 -25.01 6.85 1.97
C HIS C 146 -25.95 5.66 1.78
N TYR C 147 -27.03 5.65 2.55
CA TYR C 147 -27.94 4.51 2.58
C TYR C 147 -29.39 4.98 2.44
N LEU C 148 -30.19 4.17 1.74
CA LEU C 148 -31.61 4.47 1.54
C LEU C 148 -32.36 3.15 1.48
N PRO C 149 -33.01 2.74 2.57
CA PRO C 149 -33.94 1.61 2.48
C PRO C 149 -35.08 1.94 1.54
N PHE C 150 -35.54 0.93 0.80
CA PHE C 150 -36.58 1.17 -0.19
C PHE C 150 -37.30 -0.13 -0.49
N LEU C 151 -38.57 0.01 -0.90
CA LEU C 151 -39.35 -1.13 -1.37
C LEU C 151 -39.18 -1.22 -2.88
N PRO C 152 -38.51 -2.25 -3.40
CA PRO C 152 -38.30 -2.33 -4.86
C PRO C 152 -39.62 -2.39 -5.60
N SER C 153 -39.70 -1.64 -6.69
CA SER C 153 -40.88 -1.65 -7.55
C SER C 153 -40.45 -1.28 -8.97
N THR C 154 -41.25 -1.72 -9.94
CA THR C 154 -40.98 -1.42 -11.34
C THR C 154 -41.30 0.01 -11.71
N GLU C 155 -41.98 0.76 -10.83
CA GLU C 155 -42.36 2.14 -11.13
C GLU C 155 -41.30 3.16 -10.72
N ASP C 156 -40.40 2.81 -9.80
CA ASP C 156 -39.47 3.76 -9.20
C ASP C 156 -38.07 3.56 -9.77
N VAL C 157 -37.45 4.66 -10.17
CA VAL C 157 -36.02 4.68 -10.49
C VAL C 157 -35.32 5.51 -9.42
N TYR C 158 -34.01 5.32 -9.29
CA TYR C 158 -33.24 5.99 -8.27
C TYR C 158 -31.94 6.54 -8.85
N ASP C 159 -31.43 7.58 -8.18
CA ASP C 159 -30.18 8.21 -8.56
C ASP C 159 -29.51 8.74 -7.29
N CYS C 160 -28.19 8.65 -7.26
CA CYS C 160 -27.39 9.27 -6.20
C CYS C 160 -26.65 10.46 -6.82
N ARG C 161 -27.03 11.68 -6.41
CA ARG C 161 -26.39 12.89 -6.92
C ARG C 161 -25.27 13.31 -5.97
N VAL C 162 -24.07 13.48 -6.53
CA VAL C 162 -22.88 13.83 -5.76
C VAL C 162 -22.32 15.14 -6.32
N GLU C 163 -22.14 16.13 -5.44
CA GLU C 163 -21.55 17.40 -5.79
C GLU C 163 -20.21 17.53 -5.10
N HIS C 164 -19.16 17.84 -5.87
CA HIS C 164 -17.82 17.99 -5.32
C HIS C 164 -17.10 19.10 -6.07
N TRP C 165 -16.36 19.93 -5.33
CA TRP C 165 -15.68 21.07 -5.93
C TRP C 165 -14.72 20.65 -7.03
N GLY C 166 -14.29 19.38 -7.04
CA GLY C 166 -13.49 18.88 -8.14
C GLY C 166 -14.28 18.46 -9.35
N LEU C 167 -15.61 18.49 -9.26
CA LEU C 167 -16.49 18.11 -10.36
C LEU C 167 -16.95 19.35 -11.12
N ASP C 168 -16.97 19.23 -12.45
CA ASP C 168 -17.49 20.32 -13.27
C ASP C 168 -19.02 20.38 -13.21
N GLU C 169 -19.68 19.23 -13.30
CA GLU C 169 -21.12 19.12 -13.20
C GLU C 169 -21.46 18.08 -12.15
N PRO C 170 -22.67 18.13 -11.58
CA PRO C 170 -23.07 17.10 -10.61
C PRO C 170 -22.92 15.71 -11.22
N LEU C 171 -22.65 14.74 -10.36
CA LEU C 171 -22.45 13.36 -10.77
C LEU C 171 -23.63 12.52 -10.30
N LEU C 172 -24.33 11.89 -11.24
CA LEU C 172 -25.48 11.06 -10.95
C LEU C 172 -25.23 9.64 -11.44
N LYS C 173 -25.35 8.68 -10.53
CA LYS C 173 -25.29 7.26 -10.86
C LYS C 173 -26.69 6.67 -10.69
N HIS C 174 -27.14 5.94 -11.70
CA HIS C 174 -28.52 5.49 -11.80
C HIS C 174 -28.66 4.04 -11.36
N TRP C 175 -29.88 3.70 -10.95
CA TRP C 175 -30.24 2.32 -10.63
C TRP C 175 -31.72 2.12 -10.87
N GLU C 176 -32.08 0.93 -11.35
CA GLU C 176 -33.48 0.58 -11.56
C GLU C 176 -33.58 -0.94 -11.63
N PHE C 177 -34.83 -1.42 -11.64
CA PHE C 177 -35.10 -2.85 -11.70
C PHE C 177 -35.00 -3.36 -13.13
N THR D 1 -16.00 27.90 -3.61
CA THR D 1 -15.09 28.58 -4.53
C THR D 1 -13.80 29.02 -3.83
N ARG D 2 -13.86 29.16 -2.51
CA ARG D 2 -12.70 29.56 -1.73
C ARG D 2 -11.67 28.43 -1.67
N PRO D 3 -10.40 28.76 -1.46
CA PRO D 3 -9.38 27.71 -1.31
C PRO D 3 -9.52 27.00 0.03
N ARG D 4 -9.18 25.72 0.03
CA ARG D 4 -9.28 24.88 1.22
C ARG D 4 -7.89 24.48 1.71
N PHE D 5 -7.79 24.26 3.01
CA PHE D 5 -6.53 23.90 3.66
C PHE D 5 -6.83 22.80 4.67
N LEU D 6 -6.24 21.63 4.46
CA LEU D 6 -6.58 20.42 5.21
C LEU D 6 -5.39 19.98 6.04
N GLU D 7 -5.64 19.71 7.32
CA GLU D 7 -4.68 19.05 8.19
C GLU D 7 -5.23 17.67 8.54
N TYR D 8 -4.40 16.64 8.38
CA TYR D 8 -4.88 15.26 8.46
C TYR D 8 -3.77 14.40 9.03
N SER D 9 -4.07 13.68 10.12
CA SER D 9 -3.10 12.84 10.79
C SER D 9 -3.72 11.48 11.08
N THR D 10 -2.94 10.42 10.87
CA THR D 10 -3.35 9.06 11.14
C THR D 10 -2.37 8.38 12.07
N SER D 11 -2.88 7.62 13.03
CA SER D 11 -2.08 6.79 13.92
C SER D 11 -2.45 5.34 13.65
N GLU D 12 -1.55 4.60 12.99
CA GLU D 12 -1.83 3.27 12.49
C GLU D 12 -1.18 2.22 13.37
N CYS D 13 -1.93 1.16 13.66
CA CYS D 13 -1.44 0.00 14.39
C CYS D 13 -1.59 -1.22 13.49
N HIS D 14 -0.47 -1.84 13.14
CA HIS D 14 -0.45 -2.98 12.24
C HIS D 14 -0.11 -4.24 13.04
N PHE D 15 -1.00 -5.22 12.99
CA PHE D 15 -0.88 -6.45 13.77
C PHE D 15 -0.64 -7.63 12.84
N PHE D 16 0.31 -8.49 13.22
CA PHE D 16 0.60 -9.73 12.50
C PHE D 16 0.65 -10.88 13.49
N ASN D 17 0.00 -11.98 13.15
CA ASN D 17 -0.06 -13.16 14.02
C ASN D 17 -0.58 -12.76 15.41
N GLY D 18 -1.83 -12.32 15.43
CA GLY D 18 -2.40 -11.83 16.67
C GLY D 18 -1.72 -10.53 17.09
N THR D 19 -1.25 -10.49 18.33
CA THR D 19 -0.51 -9.34 18.84
C THR D 19 0.96 -9.67 19.05
N GLU D 20 1.45 -10.77 18.46
CA GLU D 20 2.84 -11.15 18.63
C GLU D 20 3.79 -10.13 18.01
N ARG D 21 3.51 -9.72 16.77
CA ARG D 21 4.29 -8.70 16.08
C ARG D 21 3.38 -7.51 15.80
N VAL D 22 3.75 -6.36 16.32
CA VAL D 22 2.94 -5.15 16.22
C VAL D 22 3.83 -4.01 15.70
N ARG D 23 3.28 -3.22 14.79
CA ARG D 23 3.96 -2.07 14.23
C ARG D 23 3.06 -0.84 14.36
N PHE D 24 3.65 0.27 14.78
CA PHE D 24 2.92 1.52 15.03
C PHE D 24 3.44 2.57 14.07
N LEU D 25 2.53 3.23 13.35
CA LEU D 25 2.91 4.28 12.42
C LEU D 25 2.08 5.52 12.70
N GLU D 26 2.73 6.68 12.63
CA GLU D 26 2.09 7.97 12.80
C GLU D 26 2.35 8.81 11.55
N ARG D 27 1.30 9.42 11.01
CA ARG D 27 1.39 10.13 9.75
C ARG D 27 0.77 11.51 9.92
N TYR D 28 1.45 12.53 9.41
CA TYR D 28 0.95 13.90 9.43
C TYR D 28 0.87 14.43 8.01
N PHE D 29 -0.32 14.88 7.61
CA PHE D 29 -0.55 15.40 6.27
C PHE D 29 -1.02 16.84 6.31
N HIS D 30 -0.60 17.62 5.32
CA HIS D 30 -1.17 18.94 5.05
C HIS D 30 -1.61 19.00 3.60
N ASN D 31 -2.89 19.31 3.39
CA ASN D 31 -3.48 19.21 2.06
C ASN D 31 -3.32 17.77 1.56
N GLN D 32 -2.51 17.53 0.51
CA GLN D 32 -2.37 16.18 -0.02
C GLN D 32 -1.02 15.53 0.28
N GLU D 33 -0.16 16.15 1.09
CA GLU D 33 1.23 15.75 1.20
C GLU D 33 1.55 15.28 2.61
N GLU D 34 2.19 14.11 2.71
CA GLU D 34 2.72 13.63 3.98
C GLU D 34 4.01 14.38 4.26
N ASN D 35 4.16 14.87 5.49
CA ASN D 35 5.29 15.71 5.85
C ASN D 35 6.14 15.13 6.97
N VAL D 36 5.51 14.55 7.98
CA VAL D 36 6.22 13.94 9.09
C VAL D 36 5.66 12.54 9.31
N ARG D 37 6.46 11.70 9.95
CA ARG D 37 6.10 10.30 10.15
C ARG D 37 6.94 9.69 11.26
N PHE D 38 6.27 8.99 12.17
CA PHE D 38 6.92 8.20 13.21
C PHE D 38 6.70 6.73 12.89
N ASP D 39 7.79 5.97 12.80
CA ASP D 39 7.74 4.54 12.55
C ASP D 39 8.35 3.83 13.74
N SER D 40 7.59 2.89 14.32
CA SER D 40 8.10 2.14 15.46
C SER D 40 9.35 1.34 15.12
N ASP D 41 9.56 1.04 13.84
CA ASP D 41 10.79 0.38 13.43
C ASP D 41 12.00 1.31 13.53
N VAL D 42 11.77 2.61 13.57
CA VAL D 42 12.83 3.59 13.72
C VAL D 42 12.91 4.12 15.14
N GLY D 43 11.76 4.39 15.76
CA GLY D 43 11.74 4.97 17.08
C GLY D 43 11.94 6.47 17.12
N GLU D 44 11.90 7.13 15.96
CA GLU D 44 12.10 8.57 15.88
C GLU D 44 11.26 9.12 14.74
N TYR D 45 10.98 10.41 14.81
CA TYR D 45 10.31 11.11 13.73
C TYR D 45 11.27 11.35 12.58
N ARG D 46 10.77 11.24 11.36
CA ARG D 46 11.54 11.49 10.15
C ARG D 46 10.74 12.42 9.24
N ALA D 47 11.45 13.29 8.53
CA ALA D 47 10.82 14.22 7.61
C ALA D 47 10.56 13.51 6.29
N VAL D 48 9.29 13.51 5.85
CA VAL D 48 8.96 12.98 4.53
C VAL D 48 9.17 14.04 3.47
N THR D 49 9.00 15.31 3.83
CA THR D 49 9.27 16.43 2.94
C THR D 49 10.06 17.48 3.72
N GLU D 50 10.58 18.46 2.98
CA GLU D 50 11.28 19.56 3.64
C GLU D 50 10.34 20.39 4.51
N LEU D 51 9.06 20.44 4.14
CA LEU D 51 8.10 21.23 4.91
C LEU D 51 7.88 20.68 6.31
N GLY D 52 8.01 19.37 6.48
CA GLY D 52 7.84 18.73 7.77
C GLY D 52 9.10 18.58 8.58
N ARG D 53 10.23 19.08 8.08
CA ARG D 53 11.53 18.92 8.72
C ARG D 53 11.57 19.68 10.04
N PRO D 54 11.00 20.89 10.12
CA PRO D 54 11.00 21.59 11.42
C PRO D 54 10.25 20.84 12.51
N ASP D 55 9.14 20.18 12.16
CA ASP D 55 8.37 19.45 13.16
C ASP D 55 9.13 18.20 13.62
N ALA D 56 9.75 17.49 12.68
CA ALA D 56 10.51 16.29 13.03
C ALA D 56 11.63 16.61 14.01
N GLU D 57 12.40 17.66 13.73
CA GLU D 57 13.50 18.04 14.60
C GLU D 57 12.99 18.44 15.98
N TYR D 58 11.96 19.29 16.02
CA TYR D 58 11.43 19.75 17.31
C TYR D 58 10.84 18.60 18.11
N TRP D 59 10.11 17.70 17.46
CA TRP D 59 9.50 16.58 18.18
C TRP D 59 10.55 15.60 18.68
N ASN D 60 11.62 15.38 17.92
CA ASN D 60 12.68 14.46 18.33
C ASN D 60 13.53 15.00 19.48
N SER D 61 13.39 16.28 19.83
CA SER D 61 14.11 16.83 20.97
C SER D 61 13.39 16.58 22.29
N GLN D 62 12.15 16.09 22.25
CA GLN D 62 11.35 15.85 23.45
C GLN D 62 11.44 14.35 23.76
N LYS D 63 12.33 13.99 24.70
CA LYS D 63 12.50 12.59 25.04
C LYS D 63 11.23 12.00 25.61
N ASP D 64 10.47 12.78 26.40
CA ASP D 64 9.24 12.26 26.99
C ASP D 64 8.23 11.88 25.92
N LEU D 65 8.20 12.61 24.80
CA LEU D 65 7.27 12.29 23.73
C LEU D 65 7.75 11.07 22.93
N LEU D 66 9.05 10.99 22.65
CA LEU D 66 9.56 9.83 21.93
C LEU D 66 9.33 8.54 22.72
N GLU D 67 9.40 8.59 24.05
CA GLU D 67 9.14 7.40 24.85
C GLU D 67 7.67 7.02 24.82
N GLN D 68 6.76 7.99 24.74
CA GLN D 68 5.35 7.67 24.58
C GLN D 68 5.10 6.94 23.27
N ARG D 69 5.68 7.43 22.18
CA ARG D 69 5.49 6.79 20.88
C ARG D 69 6.23 5.46 20.79
N ARG D 70 7.40 5.36 21.41
CA ARG D 70 8.15 4.11 21.39
C ARG D 70 7.44 3.02 22.18
N ALA D 71 6.58 3.40 23.14
CA ALA D 71 5.81 2.46 23.93
C ALA D 71 4.39 2.27 23.42
N ALA D 72 4.03 2.92 22.32
CA ALA D 72 2.65 2.86 21.85
C ALA D 72 2.23 1.45 21.45
N VAL D 73 3.16 0.67 20.90
CA VAL D 73 2.85 -0.70 20.49
C VAL D 73 2.24 -1.50 21.65
N ASP D 74 2.57 -1.12 22.88
CA ASP D 74 2.02 -1.77 24.07
C ASP D 74 0.88 -0.98 24.70
N THR D 75 1.10 0.31 24.96
CA THR D 75 0.12 1.13 25.65
C THR D 75 -1.03 1.57 24.77
N TYR D 76 -0.85 1.51 23.44
CA TYR D 76 -1.86 2.01 22.50
C TYR D 76 -2.36 0.91 21.58
N CYS D 77 -1.48 0.27 20.80
CA CYS D 77 -1.91 -0.73 19.83
C CYS D 77 -2.46 -1.97 20.51
N ARG D 78 -1.63 -2.65 21.30
CA ARG D 78 -2.07 -3.89 21.94
C ARG D 78 -3.24 -3.64 22.88
N HIS D 79 -3.28 -2.49 23.52
CA HIS D 79 -4.41 -2.17 24.40
C HIS D 79 -5.71 -2.14 23.62
N ASN D 80 -5.78 -1.29 22.58
CA ASN D 80 -7.00 -1.15 21.82
C ASN D 80 -7.38 -2.45 21.11
N TYR D 81 -6.39 -3.29 20.78
CA TYR D 81 -6.68 -4.58 20.17
C TYR D 81 -7.56 -5.42 21.09
N GLY D 82 -7.18 -5.52 22.36
CA GLY D 82 -7.95 -6.32 23.30
C GLY D 82 -9.29 -5.70 23.67
N VAL D 83 -9.39 -4.37 23.61
CA VAL D 83 -10.64 -3.70 23.96
C VAL D 83 -11.77 -4.20 23.07
N GLY D 84 -11.56 -4.19 21.76
CA GLY D 84 -12.62 -4.55 20.83
C GLY D 84 -12.42 -5.92 20.18
N GLU D 85 -11.53 -6.74 20.75
CA GLU D 85 -11.20 -8.01 20.13
C GLU D 85 -12.44 -8.87 19.92
N SER D 86 -13.37 -8.87 20.88
CA SER D 86 -14.48 -9.81 20.82
C SER D 86 -15.46 -9.50 19.70
N PHE D 87 -15.61 -8.23 19.33
CA PHE D 87 -16.58 -7.84 18.32
C PHE D 87 -15.95 -7.24 17.06
N THR D 88 -14.64 -7.40 16.89
CA THR D 88 -13.97 -6.97 15.67
C THR D 88 -13.11 -8.09 15.12
N VAL D 89 -12.07 -8.46 15.88
CA VAL D 89 -11.16 -9.52 15.45
C VAL D 89 -11.90 -10.85 15.33
N GLN D 90 -12.86 -11.08 16.21
CA GLN D 90 -13.58 -12.35 16.27
C GLN D 90 -15.00 -12.25 15.72
N ARG D 91 -15.41 -11.10 15.19
CA ARG D 91 -16.71 -10.98 14.56
C ARG D 91 -16.84 -11.95 13.40
N ARG D 92 -17.97 -12.66 13.35
CA ARG D 92 -18.25 -13.63 12.30
C ARG D 92 -19.71 -13.54 11.88
N VAL D 93 -19.94 -13.37 10.59
CA VAL D 93 -21.29 -13.36 10.01
C VAL D 93 -21.25 -14.21 8.75
N HIS D 94 -22.00 -15.30 8.73
CA HIS D 94 -21.96 -16.19 7.58
C HIS D 94 -22.69 -15.55 6.39
N PRO D 95 -22.27 -15.87 5.17
CA PRO D 95 -22.91 -15.27 3.98
C PRO D 95 -24.25 -15.92 3.64
N LYS D 96 -25.06 -15.13 2.93
CA LYS D 96 -26.28 -15.61 2.29
C LYS D 96 -25.97 -15.89 0.83
N VAL D 97 -26.12 -17.16 0.43
CA VAL D 97 -25.73 -17.62 -0.90
C VAL D 97 -26.98 -17.83 -1.74
N THR D 98 -27.02 -17.19 -2.91
CA THR D 98 -28.14 -17.32 -3.84
C THR D 98 -27.60 -17.47 -5.25
N VAL D 99 -28.27 -18.31 -6.04
CA VAL D 99 -27.95 -18.48 -7.46
C VAL D 99 -29.18 -18.09 -8.27
N TYR D 100 -28.97 -17.35 -9.36
CA TYR D 100 -30.06 -16.97 -10.24
C TYR D 100 -29.49 -16.70 -11.62
N PRO D 101 -30.23 -17.03 -12.69
CA PRO D 101 -29.71 -16.79 -14.04
C PRO D 101 -29.90 -15.34 -14.46
N SER D 102 -29.15 -14.95 -15.49
CA SER D 102 -29.24 -13.61 -16.05
C SER D 102 -28.81 -13.69 -17.52
N LYS D 103 -28.66 -12.52 -18.14
CA LYS D 103 -28.31 -12.45 -19.55
C LYS D 103 -27.31 -11.33 -19.75
N THR D 104 -26.27 -11.61 -20.55
CA THR D 104 -25.30 -10.57 -20.88
C THR D 104 -25.90 -9.51 -21.77
N GLN D 105 -26.72 -9.91 -22.74
CA GLN D 105 -27.37 -8.99 -23.66
C GLN D 105 -28.88 -9.17 -23.61
N PRO D 106 -29.66 -8.09 -23.52
CA PRO D 106 -31.12 -8.25 -23.37
C PRO D 106 -31.75 -9.21 -24.38
N LEU D 107 -31.33 -9.16 -25.64
CA LEU D 107 -31.91 -10.02 -26.69
C LEU D 107 -31.12 -11.32 -26.78
N GLN D 108 -31.19 -12.11 -25.70
CA GLN D 108 -30.50 -13.39 -25.67
C GLN D 108 -31.12 -14.25 -24.58
N HIS D 109 -30.67 -15.50 -24.54
CA HIS D 109 -31.11 -16.47 -23.55
C HIS D 109 -30.33 -16.27 -22.26
N HIS D 110 -30.75 -16.98 -21.22
CA HIS D 110 -30.05 -16.97 -19.94
C HIS D 110 -28.69 -17.63 -20.14
N ASN D 111 -27.65 -16.82 -20.37
CA ASN D 111 -26.30 -17.33 -20.54
C ASN D 111 -25.37 -16.81 -19.45
N LEU D 112 -25.91 -16.44 -18.31
CA LEU D 112 -25.14 -15.86 -17.22
C LEU D 112 -25.74 -16.36 -15.91
N LEU D 113 -24.99 -17.18 -15.17
CA LEU D 113 -25.40 -17.66 -13.85
C LEU D 113 -24.70 -16.83 -12.80
N VAL D 114 -25.49 -16.15 -11.97
CA VAL D 114 -24.98 -15.27 -10.93
C VAL D 114 -25.05 -15.99 -9.60
N CYS D 115 -23.94 -16.00 -8.86
CA CYS D 115 -23.90 -16.52 -7.49
C CYS D 115 -23.71 -15.33 -6.56
N SER D 116 -24.79 -14.93 -5.90
CA SER D 116 -24.76 -13.78 -5.01
C SER D 116 -24.37 -14.24 -3.60
N VAL D 117 -23.32 -13.63 -3.05
CA VAL D 117 -22.82 -13.94 -1.72
C VAL D 117 -22.75 -12.62 -0.97
N SER D 118 -23.68 -12.40 -0.04
CA SER D 118 -23.85 -11.09 0.58
C SER D 118 -23.98 -11.20 2.09
N GLY D 119 -23.71 -10.08 2.77
CA GLY D 119 -23.98 -9.94 4.17
C GLY D 119 -23.03 -10.65 5.10
N PHE D 120 -21.79 -10.91 4.66
CA PHE D 120 -20.84 -11.68 5.46
C PHE D 120 -19.73 -10.79 5.99
N TYR D 121 -19.05 -11.31 7.02
CA TYR D 121 -17.91 -10.66 7.63
C TYR D 121 -17.07 -11.76 8.26
N PRO D 122 -15.74 -11.72 8.12
CA PRO D 122 -14.90 -10.69 7.48
C PRO D 122 -14.90 -10.75 5.95
N GLY D 123 -14.09 -9.90 5.32
CA GLY D 123 -14.10 -9.75 3.88
C GLY D 123 -13.51 -10.92 3.10
N SER D 124 -12.66 -11.73 3.73
CA SER D 124 -12.07 -12.85 3.00
C SER D 124 -13.14 -13.86 2.59
N ILE D 125 -13.09 -14.28 1.33
CA ILE D 125 -14.05 -15.24 0.80
C ILE D 125 -13.48 -15.84 -0.47
N GLU D 126 -13.88 -17.07 -0.78
CA GLU D 126 -13.46 -17.73 -2.00
C GLU D 126 -14.66 -18.46 -2.61
N VAL D 127 -14.94 -18.18 -3.87
CA VAL D 127 -16.09 -18.72 -4.57
C VAL D 127 -15.63 -19.40 -5.86
N ARG D 128 -16.22 -20.55 -6.16
CA ARG D 128 -15.87 -21.34 -7.33
C ARG D 128 -17.13 -21.90 -7.97
N TRP D 129 -17.10 -22.01 -9.29
CA TRP D 129 -18.21 -22.57 -10.06
C TRP D 129 -17.88 -24.00 -10.53
N PHE D 130 -18.93 -24.80 -10.71
CA PHE D 130 -18.80 -26.17 -11.18
C PHE D 130 -19.91 -26.50 -12.16
N ARG D 131 -19.55 -27.14 -13.27
CA ARG D 131 -20.52 -27.71 -14.20
C ARG D 131 -20.48 -29.22 -14.04
N ASN D 132 -21.57 -29.80 -13.52
CA ASN D 132 -21.67 -31.23 -13.31
C ASN D 132 -20.46 -31.76 -12.56
N GLY D 133 -20.11 -31.07 -11.47
CA GLY D 133 -19.02 -31.49 -10.61
C GLY D 133 -17.63 -31.12 -11.09
N GLN D 134 -17.47 -30.55 -12.27
CA GLN D 134 -16.18 -30.15 -12.79
C GLN D 134 -16.02 -28.65 -12.62
N GLU D 135 -14.85 -28.22 -12.16
CA GLU D 135 -14.65 -26.80 -11.88
C GLU D 135 -14.64 -26.03 -13.20
N GLU D 136 -15.37 -24.93 -13.23
CA GLU D 136 -15.35 -24.00 -14.34
C GLU D 136 -14.43 -22.84 -13.97
N LYS D 137 -13.33 -22.70 -14.71
CA LYS D 137 -12.35 -21.65 -14.47
C LYS D 137 -12.30 -20.61 -15.57
N THR D 138 -12.78 -20.94 -16.76
CA THR D 138 -12.89 -20.00 -17.87
C THR D 138 -14.32 -19.49 -17.93
N GLY D 139 -14.47 -18.19 -18.20
CA GLY D 139 -15.78 -17.59 -18.29
C GLY D 139 -16.33 -17.04 -16.99
N VAL D 140 -15.51 -16.92 -15.95
CA VAL D 140 -15.96 -16.41 -14.67
C VAL D 140 -15.55 -14.95 -14.57
N VAL D 141 -16.54 -14.09 -14.35
CA VAL D 141 -16.31 -12.67 -14.05
C VAL D 141 -17.01 -12.36 -12.74
N SER D 142 -16.49 -11.36 -12.03
CA SER D 142 -17.01 -11.04 -10.71
C SER D 142 -16.92 -9.53 -10.47
N THR D 143 -17.75 -9.06 -9.54
CA THR D 143 -17.65 -7.68 -9.08
C THR D 143 -16.43 -7.46 -8.20
N GLY D 144 -15.85 -8.53 -7.65
CA GLY D 144 -14.85 -8.41 -6.63
C GLY D 144 -15.49 -8.27 -5.26
N LEU D 145 -14.64 -8.19 -4.24
CA LEU D 145 -15.13 -8.01 -2.88
C LEU D 145 -15.69 -6.60 -2.73
N ILE D 146 -16.96 -6.50 -2.35
CA ILE D 146 -17.65 -5.23 -2.18
C ILE D 146 -17.85 -4.99 -0.70
N HIS D 147 -17.38 -3.84 -0.23
CA HIS D 147 -17.58 -3.43 1.15
C HIS D 147 -18.85 -2.60 1.24
N ASN D 148 -19.79 -3.05 2.09
CA ASN D 148 -21.05 -2.34 2.27
C ASN D 148 -20.95 -1.18 3.25
N GLY D 149 -19.80 -1.00 3.89
CA GLY D 149 -19.60 0.09 4.81
C GLY D 149 -20.22 -0.09 6.18
N ASP D 150 -20.80 -1.25 6.46
CA ASP D 150 -21.51 -1.49 7.71
C ASP D 150 -21.08 -2.82 8.33
N TRP D 151 -19.79 -3.12 8.26
CA TRP D 151 -19.24 -4.36 8.81
C TRP D 151 -19.83 -5.59 8.10
N THR D 152 -20.14 -5.45 6.81
CA THR D 152 -20.54 -6.59 5.99
C THR D 152 -19.99 -6.40 4.58
N PHE D 153 -19.83 -7.52 3.88
CA PHE D 153 -19.33 -7.50 2.52
C PHE D 153 -20.26 -8.33 1.63
N GLN D 154 -20.09 -8.15 0.32
CA GLN D 154 -20.84 -8.93 -0.65
C GLN D 154 -20.00 -9.08 -1.91
N THR D 155 -20.45 -9.96 -2.79
CA THR D 155 -19.79 -10.17 -4.07
C THR D 155 -20.73 -10.96 -4.99
N LEU D 156 -20.66 -10.66 -6.28
CA LEU D 156 -21.31 -11.43 -7.31
C LEU D 156 -20.24 -12.14 -8.14
N VAL D 157 -20.35 -13.46 -8.24
CA VAL D 157 -19.45 -14.26 -9.05
C VAL D 157 -20.28 -14.90 -10.15
N MET D 158 -20.11 -14.41 -11.37
CA MET D 158 -20.95 -14.77 -12.50
C MET D 158 -20.21 -15.71 -13.44
N LEU D 159 -20.97 -16.61 -14.07
CA LEU D 159 -20.43 -17.61 -14.97
C LEU D 159 -21.11 -17.45 -16.32
N GLU D 160 -20.34 -17.10 -17.35
CA GLU D 160 -20.85 -17.03 -18.71
C GLU D 160 -20.85 -18.42 -19.30
N THR D 161 -22.04 -18.95 -19.57
CA THR D 161 -22.18 -20.30 -20.09
C THR D 161 -23.52 -20.41 -20.78
N VAL D 162 -23.64 -21.42 -21.66
CA VAL D 162 -24.90 -21.71 -22.32
C VAL D 162 -25.46 -22.99 -21.68
N PRO D 163 -26.38 -22.89 -20.73
CA PRO D 163 -26.85 -24.10 -20.05
C PRO D 163 -27.61 -25.03 -21.00
N ARG D 164 -27.31 -26.31 -20.92
CA ARG D 164 -28.02 -27.36 -21.63
C ARG D 164 -28.81 -28.22 -20.64
N SER D 165 -30.00 -28.64 -21.05
CA SER D 165 -30.86 -29.44 -20.20
C SER D 165 -30.18 -30.75 -19.81
N GLU D 167 -28.01 -30.57 -17.03
CA GLU D 167 -26.77 -30.16 -16.39
C GLU D 167 -27.04 -29.51 -15.04
N VAL D 168 -26.14 -29.78 -14.09
CA VAL D 168 -26.21 -29.21 -12.74
C VAL D 168 -25.03 -28.26 -12.56
N TYR D 169 -25.31 -27.04 -12.14
CA TYR D 169 -24.28 -26.05 -11.85
C TYR D 169 -24.22 -25.84 -10.34
N THR D 170 -22.99 -25.77 -9.81
CA THR D 170 -22.76 -25.65 -8.38
C THR D 170 -21.88 -24.44 -8.09
N CYS D 171 -22.34 -23.58 -7.19
CA CYS D 171 -21.55 -22.49 -6.64
C CYS D 171 -21.04 -22.92 -5.27
N GLN D 172 -19.72 -22.90 -5.09
CA GLN D 172 -19.08 -23.35 -3.86
C GLN D 172 -18.42 -22.17 -3.16
N VAL D 173 -18.74 -21.98 -1.88
CA VAL D 173 -18.28 -20.82 -1.12
C VAL D 173 -17.52 -21.30 0.11
N GLU D 174 -16.41 -20.63 0.41
CA GLU D 174 -15.64 -20.85 1.64
C GLU D 174 -15.51 -19.52 2.37
N HIS D 175 -15.77 -19.54 3.68
CA HIS D 175 -15.73 -18.32 4.48
C HIS D 175 -15.28 -18.69 5.88
N PRO D 176 -14.48 -17.85 6.54
CA PRO D 176 -13.94 -18.23 7.86
C PRO D 176 -15.00 -18.50 8.92
N SER D 177 -16.24 -18.05 8.74
CA SER D 177 -17.26 -18.25 9.76
C SER D 177 -17.82 -19.67 9.75
N VAL D 178 -17.54 -20.46 8.72
CA VAL D 178 -17.95 -21.85 8.67
C VAL D 178 -16.75 -22.68 8.22
N THR D 179 -16.73 -23.94 8.63
CA THR D 179 -15.57 -24.78 8.40
C THR D 179 -15.52 -25.33 6.97
N SER D 180 -16.50 -26.17 6.60
CA SER D 180 -16.43 -26.80 5.29
C SER D 180 -17.09 -25.94 4.23
N PRO D 181 -16.73 -26.13 2.96
CA PRO D 181 -17.34 -25.35 1.88
C PRO D 181 -18.86 -25.52 1.84
N LEU D 182 -19.54 -24.46 1.37
CA LEU D 182 -20.97 -24.48 1.16
C LEU D 182 -21.28 -24.61 -0.32
N THR D 183 -22.25 -25.47 -0.64
CA THR D 183 -22.59 -25.81 -2.01
C THR D 183 -24.02 -25.39 -2.28
N VAL D 184 -24.24 -24.78 -3.45
CA VAL D 184 -25.57 -24.39 -3.92
C VAL D 184 -25.70 -24.82 -5.37
N GLU D 185 -26.78 -25.53 -5.69
CA GLU D 185 -26.99 -26.10 -7.01
C GLU D 185 -28.05 -25.33 -7.78
N TRP D 186 -27.89 -25.32 -9.11
CA TRP D 186 -28.87 -24.73 -10.02
C TRP D 186 -29.02 -25.64 -11.22
N ARG D 187 -30.26 -26.04 -11.52
CA ARG D 187 -30.54 -26.98 -12.58
C ARG D 187 -31.28 -26.30 -13.73
N ALA D 188 -30.96 -26.71 -14.94
CA ALA D 188 -31.60 -26.18 -16.14
C ALA D 188 -32.72 -27.11 -16.61
N GLY E 1 12.56 -25.23 -15.97
CA GLY E 1 12.44 -23.91 -15.29
C GLY E 1 12.67 -22.74 -16.22
N GLY E 2 11.58 -22.18 -16.74
CA GLY E 2 11.66 -21.01 -17.59
C GLY E 2 10.62 -19.96 -17.26
N TYR E 3 11.07 -18.75 -16.95
CA TYR E 3 10.14 -17.67 -16.65
C TYR E 3 9.30 -17.34 -17.87
N ARG E 4 8.08 -16.86 -17.62
CA ARG E 4 7.15 -16.47 -18.67
C ARG E 4 6.79 -15.00 -18.50
N ALA E 5 6.81 -14.25 -19.60
CA ALA E 5 6.39 -12.85 -19.58
C ALA E 5 4.88 -12.79 -19.81
N PRO E 7 2.28 -10.97 -21.73
CA PRO E 7 2.39 -10.18 -22.96
C PRO E 7 1.68 -8.84 -22.85
N ALA E 8 2.31 -7.78 -23.34
CA ALA E 8 1.69 -6.46 -23.34
C ALA E 8 0.64 -6.38 -24.43
N LYS E 9 -0.49 -5.77 -24.10
CA LYS E 9 -1.61 -5.63 -25.02
C LYS E 9 -1.59 -4.25 -25.65
N ALA E 10 -1.77 -4.18 -26.96
CA ALA E 10 -1.78 -2.91 -27.65
C ALA E 10 -3.00 -2.09 -27.23
N ALA E 11 -2.79 -0.80 -27.00
CA ALA E 11 -3.87 0.09 -26.62
C ALA E 11 -4.65 0.53 -27.85
N THR E 12 -5.84 1.07 -27.60
CA THR E 12 -6.72 1.52 -28.68
C THR E 12 -6.04 2.58 -29.54
N GLY F 1 -13.46 -1.92 29.43
CA GLY F 1 -12.62 -1.72 28.22
C GLY F 1 -12.80 -0.34 27.60
N GLY F 2 -11.77 0.49 27.73
CA GLY F 2 -11.81 1.83 27.16
C GLY F 2 -10.75 2.06 26.11
N TYR F 3 -11.14 2.60 24.96
CA TYR F 3 -10.19 2.92 23.91
C TYR F 3 -9.30 4.08 24.33
N ARG F 4 -8.14 4.16 23.69
CA ARG F 4 -7.14 5.18 24.00
C ARG F 4 -6.77 5.93 22.73
N ALA F 5 -6.79 7.25 22.80
CA ALA F 5 -6.32 8.09 21.71
C ALA F 5 -4.83 8.37 21.89
N PRO F 7 -2.39 11.03 21.70
CA PRO F 7 -2.43 12.50 21.73
C PRO F 7 -1.71 13.12 20.54
N ALA F 8 -2.27 14.21 20.02
CA ALA F 8 -1.66 14.93 18.91
C ALA F 8 -0.66 15.95 19.45
N LYS F 9 0.48 16.05 18.77
CA LYS F 9 1.54 16.96 19.17
C LYS F 9 1.43 18.27 18.42
N ALA F 10 1.77 19.36 19.10
CA ALA F 10 1.71 20.69 18.50
C ALA F 10 2.93 20.92 17.62
N ALA F 11 2.70 21.43 16.41
CA ALA F 11 3.78 21.72 15.49
C ALA F 11 4.62 22.88 16.00
N THR F 12 5.64 23.23 15.23
CA THR F 12 6.54 24.32 15.60
C THR F 12 6.21 25.59 14.80
#